data_6MTP
#
_entry.id   6MTP
#
_cell.length_a   42.013
_cell.length_b   149.796
_cell.length_c   160.277
_cell.angle_alpha   90.00
_cell.angle_beta   90.00
_cell.angle_gamma   90.00
#
_symmetry.space_group_name_H-M   'P 2 21 21'
#
loop_
_entity.id
_entity.type
_entity.pdbx_description
1 polymer 'Antibody VRC42.04 Fab light chain'
2 polymer 'Antibody VRC42.04 Fab heavy chain'
3 polymer 'RV217 founder virus gp41 peptide'
4 water water
#
loop_
_entity_poly.entity_id
_entity_poly.type
_entity_poly.pdbx_seq_one_letter_code
_entity_poly.pdbx_strand_id
1 'polypeptide(L)'
;EIVLTQSPDTLSLSPGERATLSCRASETIRNNNLAWYQQSPGQAPRLLVYGASSTATGVPGRFSGSGSGTDFTLTISRLE
PEDFAVYYCQQYYKPPGTFGQGTKVEFKRTVAAPSVFIFPPSDEQLKSGTASVVCLLNNFYPREAKVQWKVDNALQSGNS
QESVTEQDSKDSTYSLSSTLTLSKADYEKHKVYACEVTHQGLSSPVTKSFNRGEC
;
L,B
2 'polypeptide(L)'
;RVQLVQSGAEVKKPGSSVRISCKASGGTFSTLTLTWVRQAPGQGLEWMGGIIPLLSLPNYTQKFQGRLTITADTSTSTSY
LELSSLRSEDTAVYFCAREASGWFDKPLGAMGVWGQGTMVVVSSASTKGPSVFPLAPSSKSTSGGTAALGCLVKDYFPEP
VTVSWNSGALTSGVHTFPAVLQSSGLYSLSSVVTVPSSSLGTQTYICNVNHKPSNTKVDKKVEPK
;
H,A
3 'polypeptide(L)' NEKELLELDKWASLWNWFDITKWLWYIKK P,Q
#
# COMPACT_ATOMS: atom_id res chain seq x y z
N GLU A 1 -3.44 -11.15 -22.27
CA GLU A 1 -4.13 -11.05 -20.99
C GLU A 1 -3.51 -9.97 -20.11
N ILE A 2 -4.34 -9.10 -19.58
CA ILE A 2 -3.89 -7.96 -18.78
C ILE A 2 -3.93 -8.37 -17.31
N VAL A 3 -2.78 -8.26 -16.63
CA VAL A 3 -2.64 -8.64 -15.23
C VAL A 3 -2.77 -7.38 -14.37
N LEU A 4 -3.60 -7.47 -13.33
CA LEU A 4 -3.81 -6.37 -12.39
C LEU A 4 -3.25 -6.76 -11.04
N THR A 5 -2.38 -5.90 -10.48
CA THR A 5 -1.73 -6.16 -9.20
C THR A 5 -2.16 -5.09 -8.20
N GLN A 6 -2.84 -5.52 -7.14
CA GLN A 6 -3.31 -4.60 -6.11
C GLN A 6 -2.32 -4.54 -4.96
N SER A 7 -2.31 -3.40 -4.27
CA SER A 7 -1.44 -3.22 -3.12
C SER A 7 -2.06 -2.21 -2.17
N PRO A 8 -1.91 -2.38 -0.85
CA PRO A 8 -1.29 -3.56 -0.25
C PRO A 8 -2.25 -4.74 -0.18
N ASP A 9 -1.75 -5.90 0.25
CA ASP A 9 -2.63 -7.06 0.42
C ASP A 9 -3.63 -6.84 1.55
N THR A 10 -3.18 -6.23 2.64
CA THR A 10 -4.03 -5.93 3.78
C THR A 10 -3.76 -4.52 4.25
N LEU A 11 -4.84 -3.73 4.40
CA LEU A 11 -4.77 -2.37 4.91
C LEU A 11 -5.41 -2.36 6.29
N SER A 12 -4.65 -1.95 7.30
CA SER A 12 -5.09 -1.96 8.69
C SER A 12 -5.30 -0.53 9.16
N LEU A 13 -6.57 -0.17 9.37
CA LEU A 13 -6.94 1.21 9.67
C LEU A 13 -8.01 1.22 10.75
N SER A 14 -8.43 2.43 11.13
CA SER A 14 -9.48 2.67 12.11
C SER A 14 -10.59 3.49 11.48
N PRO A 15 -11.83 3.34 11.97
CA PRO A 15 -12.93 4.17 11.46
C PRO A 15 -12.64 5.65 11.61
N GLY A 16 -12.90 6.40 10.53
CA GLY A 16 -12.60 7.81 10.47
C GLY A 16 -11.33 8.13 9.70
N GLU A 17 -10.46 7.16 9.48
CA GLU A 17 -9.22 7.36 8.75
C GLU A 17 -9.45 7.26 7.24
N ARG A 18 -8.44 7.65 6.49
CA ARG A 18 -8.48 7.67 5.04
C ARG A 18 -7.80 6.42 4.49
N ALA A 19 -8.45 5.76 3.54
CA ALA A 19 -7.93 4.54 2.93
C ALA A 19 -7.56 4.81 1.47
N THR A 20 -6.35 4.40 1.08
CA THR A 20 -5.86 4.58 -0.28
C THR A 20 -5.42 3.22 -0.80
N LEU A 21 -6.14 2.71 -1.81
CA LEU A 21 -5.90 1.40 -2.39
C LEU A 21 -5.38 1.56 -3.81
N SER A 22 -4.44 0.70 -4.21
CA SER A 22 -3.74 0.81 -5.47
C SER A 22 -3.99 -0.40 -6.35
N CYS A 23 -3.96 -0.16 -7.67
CA CYS A 23 -4.16 -1.21 -8.67
C CYS A 23 -3.30 -0.86 -9.87
N ARG A 24 -2.31 -1.70 -10.17
CA ARG A 24 -1.37 -1.46 -11.25
C ARG A 24 -1.50 -2.54 -12.31
N ALA A 25 -1.57 -2.12 -13.57
CA ALA A 25 -1.81 -3.01 -14.69
C ALA A 25 -0.53 -3.27 -15.47
N SER A 26 -0.46 -4.43 -16.10
CA SER A 26 0.68 -4.80 -16.96
C SER A 26 0.65 -4.12 -18.31
N GLU A 27 -0.45 -3.44 -18.64
CA GLU A 27 -0.65 -2.85 -19.95
C GLU A 27 -1.50 -1.60 -19.80
N THR A 28 -1.21 -0.58 -20.61
CA THR A 28 -1.95 0.68 -20.52
C THR A 28 -3.43 0.46 -20.79
N ILE A 29 -4.27 0.92 -19.86
CA ILE A 29 -5.73 0.85 -20.03
C ILE A 29 -6.13 2.16 -20.71
N ARG A 30 -6.13 2.14 -22.05
CA ARG A 30 -6.16 3.37 -22.83
C ARG A 30 -7.50 4.11 -22.76
N ASN A 31 -8.61 3.41 -22.51
CA ASN A 31 -9.90 4.08 -22.40
C ASN A 31 -10.43 4.12 -20.98
N ASN A 32 -9.58 3.85 -19.98
CA ASN A 32 -9.95 3.90 -18.56
C ASN A 32 -11.11 2.96 -18.24
N ASN A 33 -11.17 1.80 -18.91
CA ASN A 33 -12.18 0.78 -18.61
C ASN A 33 -11.74 -0.03 -17.39
N LEU A 34 -11.77 0.63 -16.23
CA LEU A 34 -11.32 0.06 -14.97
C LEU A 34 -12.42 0.28 -13.93
N ALA A 35 -12.75 -0.78 -13.18
CA ALA A 35 -13.81 -0.71 -12.19
C ALA A 35 -13.30 -1.17 -10.83
N TRP A 36 -14.02 -0.76 -9.78
CA TRP A 36 -13.75 -1.19 -8.42
C TRP A 36 -15.01 -1.80 -7.81
N TYR A 37 -14.82 -2.90 -7.08
CA TYR A 37 -15.93 -3.62 -6.46
C TYR A 37 -15.65 -3.80 -4.97
N GLN A 38 -16.72 -3.94 -4.20
CA GLN A 38 -16.65 -4.19 -2.77
C GLN A 38 -17.36 -5.50 -2.46
N GLN A 39 -16.80 -6.28 -1.53
CA GLN A 39 -17.43 -7.54 -1.14
C GLN A 39 -17.27 -7.76 0.36
N SER A 40 -18.40 -7.99 1.03
CA SER A 40 -18.50 -8.38 2.43
C SER A 40 -18.63 -9.89 2.54
N PRO A 41 -18.31 -10.47 3.68
CA PRO A 41 -18.36 -11.94 3.81
C PRO A 41 -19.77 -12.48 3.57
N GLY A 42 -19.86 -13.48 2.71
CA GLY A 42 -21.12 -14.13 2.40
C GLY A 42 -22.08 -13.33 1.55
N GLN A 43 -21.62 -12.26 0.91
CA GLN A 43 -22.47 -11.44 0.05
C GLN A 43 -21.85 -11.33 -1.34
N ALA A 44 -22.69 -11.01 -2.31
CA ALA A 44 -22.22 -10.81 -3.67
C ALA A 44 -21.44 -9.49 -3.77
N PRO A 45 -20.52 -9.39 -4.73
CA PRO A 45 -19.81 -8.12 -4.93
C PRO A 45 -20.77 -7.00 -5.31
N ARG A 46 -20.31 -5.77 -5.07
CA ARG A 46 -21.07 -4.57 -5.37
C ARG A 46 -20.19 -3.61 -6.16
N LEU A 47 -20.73 -3.05 -7.24
CA LEU A 47 -19.98 -2.08 -8.03
C LEU A 47 -19.89 -0.74 -7.29
N LEU A 48 -18.67 -0.20 -7.20
CA LEU A 48 -18.42 1.09 -6.57
C LEU A 48 -18.06 2.17 -7.56
N VAL A 49 -17.12 1.91 -8.46
CA VAL A 49 -16.58 2.90 -9.37
C VAL A 49 -16.43 2.25 -10.74
N TYR A 50 -16.81 2.99 -11.79
CA TYR A 50 -16.61 2.55 -13.16
C TYR A 50 -15.86 3.63 -13.92
N GLY A 51 -15.27 3.24 -15.04
CA GLY A 51 -14.54 4.18 -15.86
C GLY A 51 -13.38 4.85 -15.14
N ALA A 52 -12.78 4.15 -14.19
CA ALA A 52 -11.65 4.61 -13.39
C ALA A 52 -12.02 5.69 -12.37
N SER A 53 -12.97 6.57 -12.71
CA SER A 53 -13.23 7.71 -11.83
C SER A 53 -14.70 8.09 -11.69
N SER A 54 -15.64 7.26 -12.14
CA SER A 54 -17.06 7.57 -12.04
C SER A 54 -17.68 6.68 -10.98
N THR A 55 -18.09 7.27 -9.85
CA THR A 55 -18.71 6.49 -8.79
C THR A 55 -20.13 6.11 -9.17
N ALA A 56 -20.48 4.85 -8.96
CA ALA A 56 -21.78 4.35 -9.37
C ALA A 56 -22.90 5.02 -8.58
N THR A 57 -24.09 5.05 -9.17
CA THR A 57 -25.24 5.64 -8.50
C THR A 57 -25.62 4.82 -7.27
N GLY A 58 -25.89 5.52 -6.18
CA GLY A 58 -26.22 4.90 -4.92
C GLY A 58 -25.03 4.61 -4.02
N VAL A 59 -23.82 4.63 -4.56
CA VAL A 59 -22.60 4.40 -3.78
C VAL A 59 -22.32 5.66 -2.98
N PRO A 60 -21.98 5.55 -1.69
CA PRO A 60 -21.71 6.74 -0.90
C PRO A 60 -20.59 7.59 -1.49
N GLY A 61 -20.63 8.89 -1.17
CA GLY A 61 -19.72 9.86 -1.75
C GLY A 61 -18.30 9.80 -1.24
N ARG A 62 -18.05 9.05 -0.15
CA ARG A 62 -16.69 8.91 0.34
C ARG A 62 -15.83 7.99 -0.54
N PHE A 63 -16.44 7.26 -1.48
CA PHE A 63 -15.70 6.44 -2.43
C PHE A 63 -15.44 7.26 -3.70
N SER A 64 -14.20 7.24 -4.17
CA SER A 64 -13.85 7.89 -5.43
C SER A 64 -12.63 7.21 -6.03
N GLY A 65 -12.56 7.18 -7.35
CA GLY A 65 -11.46 6.59 -8.07
C GLY A 65 -10.73 7.61 -8.91
N SER A 66 -9.44 7.37 -9.13
CA SER A 66 -8.61 8.24 -9.94
C SER A 66 -7.52 7.40 -10.60
N GLY A 67 -6.71 8.05 -11.43
CA GLY A 67 -5.60 7.41 -12.11
C GLY A 67 -5.89 7.20 -13.58
N SER A 68 -4.82 6.84 -14.30
CA SER A 68 -4.91 6.57 -15.73
C SER A 68 -3.68 5.75 -16.12
N GLY A 69 -3.65 5.33 -17.39
CA GLY A 69 -2.54 4.56 -17.89
C GLY A 69 -2.45 3.18 -17.28
N THR A 70 -1.52 2.99 -16.34
CA THR A 70 -1.33 1.71 -15.66
C THR A 70 -1.46 1.81 -14.15
N ASP A 71 -1.71 2.99 -13.59
CA ASP A 71 -1.78 3.17 -12.14
C ASP A 71 -3.12 3.78 -11.77
N PHE A 72 -3.88 3.08 -10.96
CA PHE A 72 -5.21 3.52 -10.55
C PHE A 72 -5.34 3.45 -9.04
N THR A 73 -6.23 4.26 -8.50
CA THR A 73 -6.34 4.43 -7.05
C THR A 73 -7.79 4.53 -6.64
N LEU A 74 -8.17 3.77 -5.61
CA LEU A 74 -9.46 3.93 -4.94
C LEU A 74 -9.23 4.58 -3.59
N THR A 75 -9.92 5.68 -3.33
CA THR A 75 -9.79 6.42 -2.08
C THR A 75 -11.11 6.40 -1.33
N ILE A 76 -11.06 5.98 -0.07
CA ILE A 76 -12.17 6.11 0.86
C ILE A 76 -11.80 7.23 1.83
N SER A 77 -12.44 8.38 1.68
CA SER A 77 -11.99 9.58 2.37
C SER A 77 -12.10 9.44 3.89
N ARG A 78 -13.12 8.75 4.38
CA ARG A 78 -13.30 8.59 5.82
C ARG A 78 -14.01 7.26 6.05
N LEU A 79 -13.28 6.29 6.62
CA LEU A 79 -13.81 4.94 6.74
C LEU A 79 -14.95 4.87 7.74
N GLU A 80 -16.04 4.22 7.34
CA GLU A 80 -17.11 3.80 8.22
C GLU A 80 -16.99 2.31 8.52
N PRO A 81 -17.57 1.84 9.63
CA PRO A 81 -17.41 0.41 9.98
C PRO A 81 -17.82 -0.56 8.88
N GLU A 82 -18.85 -0.24 8.11
CA GLU A 82 -19.25 -1.12 7.02
C GLU A 82 -18.27 -1.12 5.85
N ASP A 83 -17.27 -0.21 5.85
CA ASP A 83 -16.30 -0.16 4.77
C ASP A 83 -15.16 -1.17 4.96
N PHE A 84 -15.10 -1.85 6.09
CA PHE A 84 -14.03 -2.82 6.35
C PHE A 84 -14.42 -4.12 5.67
N ALA A 85 -13.92 -4.30 4.46
CA ALA A 85 -14.26 -5.43 3.60
C ALA A 85 -13.13 -5.62 2.60
N VAL A 86 -13.39 -6.39 1.54
CA VAL A 86 -12.41 -6.68 0.51
C VAL A 86 -12.79 -5.91 -0.75
N TYR A 87 -11.79 -5.35 -1.43
CA TYR A 87 -12.00 -4.54 -2.62
C TYR A 87 -11.22 -5.12 -3.80
N TYR A 88 -11.87 -5.14 -4.97
CA TYR A 88 -11.28 -5.70 -6.18
C TYR A 88 -11.30 -4.67 -7.30
N CYS A 89 -10.20 -4.55 -8.03
CA CYS A 89 -10.20 -3.81 -9.29
C CYS A 89 -10.37 -4.81 -10.44
N GLN A 90 -10.91 -4.31 -11.55
CA GLN A 90 -11.20 -5.17 -12.69
C GLN A 90 -11.12 -4.34 -13.96
N GLN A 91 -10.52 -4.91 -15.00
CA GLN A 91 -10.42 -4.24 -16.29
C GLN A 91 -11.38 -4.89 -17.29
N TYR A 92 -12.03 -4.05 -18.08
CA TYR A 92 -12.86 -4.49 -19.20
C TYR A 92 -12.44 -3.77 -20.47
N TYR A 93 -11.13 -3.62 -20.65
CA TYR A 93 -10.56 -2.98 -21.83
C TYR A 93 -10.31 -3.98 -22.95
N LYS A 94 -9.58 -5.06 -22.66
CA LYS A 94 -9.32 -6.11 -23.64
C LYS A 94 -9.73 -7.46 -23.07
N PRO A 95 -10.47 -8.28 -23.82
CA PRO A 95 -10.79 -9.61 -23.34
C PRO A 95 -9.55 -10.45 -23.18
N PRO A 96 -9.51 -11.36 -22.20
CA PRO A 96 -10.60 -11.60 -21.24
C PRO A 96 -10.65 -10.57 -20.12
N GLY A 97 -11.80 -10.43 -19.46
CA GLY A 97 -11.84 -9.66 -18.23
C GLY A 97 -10.98 -10.29 -17.16
N THR A 98 -10.38 -9.44 -16.32
CA THR A 98 -9.49 -9.92 -15.26
C THR A 98 -9.68 -9.06 -14.02
N PHE A 99 -9.62 -9.71 -12.86
CA PHE A 99 -9.65 -9.04 -11.57
C PHE A 99 -8.25 -8.96 -10.97
N GLY A 100 -8.04 -7.97 -10.11
CA GLY A 100 -6.93 -8.01 -9.19
C GLY A 100 -7.17 -9.04 -8.10
N GLN A 101 -6.12 -9.30 -7.30
CA GLN A 101 -6.21 -10.36 -6.31
C GLN A 101 -6.97 -9.94 -5.05
N GLY A 102 -7.30 -8.66 -4.93
CA GLY A 102 -8.09 -8.20 -3.80
C GLY A 102 -7.24 -7.57 -2.71
N THR A 103 -7.84 -6.59 -2.02
CA THR A 103 -7.21 -5.91 -0.89
C THR A 103 -8.20 -5.91 0.26
N LYS A 104 -7.75 -6.37 1.42
CA LYS A 104 -8.59 -6.44 2.61
C LYS A 104 -8.34 -5.23 3.49
N VAL A 105 -9.41 -4.58 3.94
CA VAL A 105 -9.33 -3.47 4.86
C VAL A 105 -9.78 -3.98 6.23
N GLU A 106 -8.85 -4.10 7.16
CA GLU A 106 -9.11 -4.67 8.47
C GLU A 106 -8.98 -3.60 9.56
N PHE A 107 -9.40 -3.96 10.76
CA PHE A 107 -9.34 -3.04 11.89
C PHE A 107 -7.94 -3.00 12.49
N LYS A 108 -7.44 -1.79 12.71
CA LYS A 108 -6.11 -1.57 13.22
C LYS A 108 -6.06 -1.82 14.73
N ARG A 109 -4.90 -2.29 15.20
CA ARG A 109 -4.76 -2.78 16.56
C ARG A 109 -3.28 -2.93 16.87
N THR A 110 -2.97 -3.08 18.16
CA THR A 110 -1.58 -3.31 18.57
C THR A 110 -1.24 -4.78 18.42
N VAL A 111 0.05 -5.06 18.18
CA VAL A 111 0.50 -6.43 18.00
C VAL A 111 0.24 -7.24 19.26
N ALA A 112 -0.27 -8.45 19.09
CA ALA A 112 -0.57 -9.35 20.19
C ALA A 112 -0.06 -10.75 19.85
N ALA A 113 0.82 -11.28 20.69
CA ALA A 113 1.34 -12.62 20.47
C ALA A 113 0.27 -13.67 20.77
N PRO A 114 0.26 -14.78 20.04
CA PRO A 114 -0.75 -15.82 20.28
C PRO A 114 -0.42 -16.68 21.49
N SER A 115 -1.47 -17.21 22.10
CA SER A 115 -1.34 -18.33 23.04
C SER A 115 -1.40 -19.63 22.24
N VAL A 116 -0.42 -20.50 22.44
CA VAL A 116 -0.26 -21.70 21.63
C VAL A 116 -0.60 -22.92 22.46
N PHE A 117 -1.43 -23.79 21.92
CA PHE A 117 -1.84 -25.03 22.56
C PHE A 117 -1.74 -26.18 21.55
N ILE A 118 -1.43 -27.37 22.05
CA ILE A 118 -1.32 -28.56 21.21
C ILE A 118 -2.14 -29.68 21.82
N PHE A 119 -2.81 -30.45 20.96
CA PHE A 119 -3.72 -31.51 21.39
C PHE A 119 -3.33 -32.81 20.69
N PRO A 120 -2.95 -33.85 21.41
CA PRO A 120 -2.71 -35.16 20.79
C PRO A 120 -4.01 -35.77 20.31
N PRO A 121 -3.95 -36.79 19.46
CA PRO A 121 -5.18 -37.46 19.03
C PRO A 121 -5.80 -38.25 20.17
N SER A 122 -7.13 -38.36 20.12
CA SER A 122 -7.86 -39.12 21.13
C SER A 122 -7.75 -40.61 20.86
N ASP A 123 -7.90 -41.39 21.93
CA ASP A 123 -7.89 -42.85 21.78
C ASP A 123 -9.05 -43.34 20.92
N GLU A 124 -10.18 -42.63 20.95
N GLU A 124 -10.18 -42.63 20.95
CA GLU A 124 -11.33 -43.04 20.13
CA GLU A 124 -11.33 -43.01 20.13
C GLU A 124 -11.03 -42.91 18.65
C GLU A 124 -11.03 -42.91 18.65
N GLN A 125 -10.25 -41.90 18.26
CA GLN A 125 -9.87 -41.76 16.85
C GLN A 125 -8.78 -42.75 16.47
N LEU A 126 -7.83 -43.01 17.38
CA LEU A 126 -6.76 -43.96 17.09
C LEU A 126 -7.31 -45.35 16.84
N LYS A 127 -8.30 -45.77 17.63
CA LYS A 127 -8.94 -47.06 17.41
C LYS A 127 -9.89 -47.06 16.23
N SER A 128 -9.82 -46.04 15.36
CA SER A 128 -10.54 -46.03 14.10
C SER A 128 -9.61 -45.97 12.90
N GLY A 129 -8.29 -45.89 13.10
CA GLY A 129 -7.33 -45.99 12.03
C GLY A 129 -6.64 -44.71 11.62
N THR A 130 -6.98 -43.57 12.22
CA THR A 130 -6.39 -42.29 11.84
CA THR A 130 -6.37 -42.29 11.85
C THR A 130 -6.02 -41.50 13.10
N ALA A 131 -5.08 -40.57 12.94
CA ALA A 131 -4.60 -39.74 14.05
C ALA A 131 -4.54 -38.28 13.62
N SER A 132 -5.19 -37.41 14.36
CA SER A 132 -5.17 -35.97 14.09
C SER A 132 -4.53 -35.23 15.26
N VAL A 133 -3.53 -34.41 14.97
CA VAL A 133 -2.88 -33.56 15.96
C VAL A 133 -3.26 -32.12 15.66
N VAL A 134 -3.65 -31.37 16.69
CA VAL A 134 -4.20 -30.03 16.52
C VAL A 134 -3.31 -29.03 17.26
N CYS A 135 -2.96 -27.95 16.57
CA CYS A 135 -2.18 -26.85 17.14
C CYS A 135 -3.07 -25.60 17.08
N LEU A 136 -3.29 -24.97 18.23
CA LEU A 136 -4.20 -23.84 18.34
C LEU A 136 -3.43 -22.57 18.67
N LEU A 137 -3.63 -21.53 17.86
CA LEU A 137 -3.13 -20.19 18.14
C LEU A 137 -4.31 -19.31 18.49
N ASN A 138 -4.30 -18.73 19.69
CA ASN A 138 -5.48 -18.06 20.24
C ASN A 138 -5.24 -16.56 20.40
N ASN A 139 -6.15 -15.76 19.83
CA ASN A 139 -6.28 -14.33 20.11
C ASN A 139 -4.96 -13.58 19.86
N PHE A 140 -4.58 -13.52 18.59
CA PHE A 140 -3.36 -12.83 18.19
C PHE A 140 -3.67 -11.80 17.12
N TYR A 141 -2.68 -10.94 16.86
CA TYR A 141 -2.76 -9.91 15.82
C TYR A 141 -1.34 -9.51 15.48
N PRO A 142 -1.00 -9.35 14.19
CA PRO A 142 -1.89 -9.48 13.04
C PRO A 142 -2.16 -10.92 12.62
N ARG A 143 -2.87 -11.09 11.51
CA ARG A 143 -3.36 -12.41 11.11
C ARG A 143 -2.24 -13.30 10.60
N GLU A 144 -1.19 -12.72 10.00
CA GLU A 144 -0.11 -13.52 9.43
C GLU A 144 0.63 -14.27 10.52
N ALA A 145 0.76 -15.59 10.33
CA ALA A 145 1.48 -16.44 11.27
C ALA A 145 2.04 -17.63 10.52
N LYS A 146 3.13 -18.18 11.04
CA LYS A 146 3.83 -19.31 10.42
C LYS A 146 3.80 -20.50 11.38
N VAL A 147 3.14 -21.58 10.98
N VAL A 147 3.07 -21.54 11.01
CA VAL A 147 3.02 -22.79 11.80
CA VAL A 147 3.04 -22.79 11.76
C VAL A 147 3.70 -23.94 11.08
C VAL A 147 3.86 -23.82 11.02
N GLN A 148 4.64 -24.59 11.76
CA GLN A 148 5.47 -25.65 11.19
C GLN A 148 5.30 -26.91 12.03
N TRP A 149 4.94 -28.01 11.38
CA TRP A 149 4.81 -29.29 12.06
C TRP A 149 6.12 -30.06 11.95
N LYS A 150 6.57 -30.64 13.07
CA LYS A 150 7.79 -31.41 13.12
C LYS A 150 7.53 -32.71 13.86
N VAL A 151 7.85 -33.84 13.22
CA VAL A 151 7.67 -35.18 13.79
C VAL A 151 9.05 -35.80 13.90
N ASP A 152 9.49 -36.06 15.13
CA ASP A 152 10.86 -36.53 15.40
C ASP A 152 11.88 -35.59 14.77
N ASN A 153 11.65 -34.29 14.92
CA ASN A 153 12.51 -33.22 14.42
C ASN A 153 12.55 -33.16 12.89
N ALA A 154 11.57 -33.76 12.21
CA ALA A 154 11.50 -33.78 10.76
C ALA A 154 10.36 -32.88 10.28
N LEU A 155 10.66 -31.97 9.36
CA LEU A 155 9.66 -31.02 8.88
C LEU A 155 8.58 -31.74 8.07
N GLN A 156 7.33 -31.45 8.39
CA GLN A 156 6.20 -32.04 7.70
C GLN A 156 5.74 -31.13 6.56
N SER A 157 5.26 -31.76 5.49
CA SER A 157 4.81 -31.03 4.31
C SER A 157 3.75 -31.83 3.59
N GLY A 158 2.60 -31.19 3.32
CA GLY A 158 1.55 -31.80 2.54
C GLY A 158 0.58 -32.66 3.30
N ASN A 159 0.57 -32.59 4.64
CA ASN A 159 -0.34 -33.41 5.43
C ASN A 159 -0.99 -32.60 6.55
N SER A 160 -1.11 -31.28 6.37
CA SER A 160 -1.74 -30.44 7.36
C SER A 160 -2.66 -29.44 6.67
N GLN A 161 -3.66 -28.95 7.42
N GLN A 161 -3.69 -29.01 7.41
CA GLN A 161 -4.62 -27.98 6.92
CA GLN A 161 -4.61 -27.98 6.94
C GLN A 161 -5.00 -27.06 8.07
C GLN A 161 -4.89 -27.04 8.09
N GLU A 162 -5.10 -25.77 7.77
CA GLU A 162 -5.36 -24.78 8.80
C GLU A 162 -6.56 -23.91 8.43
N SER A 163 -7.16 -23.34 9.47
CA SER A 163 -8.36 -22.51 9.37
C SER A 163 -8.20 -21.32 10.30
N VAL A 164 -8.73 -20.17 9.88
CA VAL A 164 -8.62 -18.92 10.63
C VAL A 164 -9.99 -18.32 10.79
N THR A 165 -10.27 -17.78 11.99
CA THR A 165 -11.53 -17.11 12.23
C THR A 165 -11.52 -15.70 11.63
N GLU A 166 -12.71 -15.12 11.54
CA GLU A 166 -12.83 -13.72 11.19
C GLU A 166 -12.31 -12.86 12.34
N GLN A 167 -11.98 -11.61 12.02
CA GLN A 167 -11.50 -10.68 13.04
C GLN A 167 -12.58 -10.50 14.10
N ASP A 168 -12.19 -10.65 15.37
CA ASP A 168 -13.14 -10.58 16.47
C ASP A 168 -13.67 -9.16 16.62
N SER A 169 -14.99 -9.02 16.69
CA SER A 169 -15.61 -7.71 16.72
C SER A 169 -15.45 -7.00 18.06
N LYS A 170 -14.91 -7.66 19.09
CA LYS A 170 -14.73 -7.05 20.40
C LYS A 170 -13.29 -6.58 20.64
N ASP A 171 -12.30 -7.40 20.30
CA ASP A 171 -10.90 -7.04 20.53
C ASP A 171 -10.03 -7.08 19.27
N SER A 172 -10.61 -7.39 18.11
CA SER A 172 -9.93 -7.25 16.82
C SER A 172 -8.79 -8.26 16.65
N THR A 173 -8.87 -9.40 17.31
CA THR A 173 -7.84 -10.44 17.20
C THR A 173 -8.31 -11.58 16.30
N TYR A 174 -7.37 -12.47 15.99
CA TYR A 174 -7.63 -13.65 15.17
C TYR A 174 -7.28 -14.90 15.98
N SER A 175 -7.84 -16.03 15.55
CA SER A 175 -7.47 -17.33 16.09
C SER A 175 -7.28 -18.30 14.94
N LEU A 176 -6.33 -19.23 15.13
CA LEU A 176 -5.94 -20.15 14.06
C LEU A 176 -5.81 -21.56 14.63
N SER A 177 -6.17 -22.54 13.81
CA SER A 177 -6.02 -23.95 14.17
C SER A 177 -5.39 -24.68 12.99
N SER A 178 -4.32 -25.43 13.26
CA SER A 178 -3.65 -26.25 12.28
C SER A 178 -3.81 -27.72 12.66
N THR A 179 -4.19 -28.55 11.70
CA THR A 179 -4.49 -29.95 11.94
C THR A 179 -3.55 -30.82 11.11
N LEU A 180 -2.77 -31.65 11.80
N LEU A 180 -2.76 -31.65 11.80
CA LEU A 180 -1.89 -32.62 11.16
CA LEU A 180 -1.88 -32.61 11.15
C LEU A 180 -2.55 -33.98 11.21
C LEU A 180 -2.55 -33.98 11.21
N THR A 181 -2.71 -34.62 10.05
CA THR A 181 -3.41 -35.89 9.94
C THR A 181 -2.44 -36.96 9.44
N LEU A 182 -2.33 -38.05 10.20
CA LEU A 182 -1.49 -39.18 9.86
C LEU A 182 -2.29 -40.47 9.98
N SER A 183 -1.79 -41.53 9.37
CA SER A 183 -2.35 -42.84 9.62
C SER A 183 -1.95 -43.32 11.01
N LYS A 184 -2.75 -44.23 11.56
CA LYS A 184 -2.44 -44.77 12.88
C LYS A 184 -1.07 -45.40 12.91
N ALA A 185 -0.69 -46.11 11.84
CA ALA A 185 0.62 -46.76 11.77
C ALA A 185 1.74 -45.73 11.79
N ASP A 186 1.61 -44.68 10.98
CA ASP A 186 2.64 -43.64 10.95
C ASP A 186 2.72 -42.90 12.27
N TYR A 187 1.58 -42.68 12.93
CA TYR A 187 1.59 -42.01 14.22
C TYR A 187 2.29 -42.85 15.27
N GLU A 188 1.98 -44.15 15.32
CA GLU A 188 2.59 -45.04 16.31
C GLU A 188 4.07 -45.29 16.05
N LYS A 189 4.60 -44.85 14.90
CA LYS A 189 6.00 -45.10 14.61
C LYS A 189 6.92 -44.08 15.26
N HIS A 190 6.48 -42.84 15.41
CA HIS A 190 7.31 -41.77 15.93
C HIS A 190 6.89 -41.40 17.35
N LYS A 191 7.68 -40.54 17.98
CA LYS A 191 7.50 -40.18 19.38
C LYS A 191 7.22 -38.70 19.60
N VAL A 192 8.04 -37.83 19.04
CA VAL A 192 7.97 -36.39 19.34
C VAL A 192 7.15 -35.70 18.26
N TYR A 193 6.09 -35.00 18.70
CA TYR A 193 5.20 -34.26 17.80
C TYR A 193 5.17 -32.82 18.26
N ALA A 194 5.56 -31.89 17.37
CA ALA A 194 5.75 -30.50 17.74
C ALA A 194 5.18 -29.59 16.66
N CYS A 195 4.68 -28.44 17.11
CA CYS A 195 4.24 -27.38 16.20
CA CYS A 195 4.20 -27.38 16.23
C CYS A 195 4.97 -26.10 16.58
N GLU A 196 5.71 -25.57 15.60
CA GLU A 196 6.54 -24.39 15.79
C GLU A 196 5.84 -23.17 15.21
N VAL A 197 5.80 -22.09 15.98
CA VAL A 197 4.99 -20.91 15.65
C VAL A 197 5.90 -19.69 15.57
N THR A 198 5.86 -18.99 14.44
CA THR A 198 6.57 -17.73 14.25
CA THR A 198 6.57 -17.73 14.26
C THR A 198 5.54 -16.63 14.05
N HIS A 199 5.67 -15.55 14.83
CA HIS A 199 4.71 -14.47 14.75
C HIS A 199 5.43 -13.16 15.06
N GLN A 200 4.86 -12.06 14.53
N GLN A 200 4.85 -12.06 14.54
CA GLN A 200 5.44 -10.74 14.74
CA GLN A 200 5.44 -10.74 14.74
C GLN A 200 5.53 -10.38 16.22
C GLN A 200 5.51 -10.37 16.21
N GLY A 201 4.59 -10.88 17.03
CA GLY A 201 4.60 -10.60 18.45
C GLY A 201 5.53 -11.45 19.28
N LEU A 202 6.13 -12.48 18.68
CA LEU A 202 7.00 -13.40 19.39
C LEU A 202 8.46 -13.01 19.15
N SER A 203 9.21 -12.87 20.26
CA SER A 203 10.63 -12.53 20.14
C SER A 203 11.41 -13.62 19.45
N SER A 204 10.98 -14.87 19.59
CA SER A 204 11.62 -16.02 18.96
C SER A 204 10.57 -17.09 18.76
N PRO A 205 10.79 -18.05 17.86
CA PRO A 205 9.77 -19.06 17.60
C PRO A 205 9.39 -19.83 18.86
N VAL A 206 8.09 -20.13 18.98
CA VAL A 206 7.53 -20.86 20.11
C VAL A 206 7.21 -22.27 19.65
N THR A 207 7.60 -23.25 20.45
CA THR A 207 7.36 -24.67 20.14
C THR A 207 6.60 -25.31 21.29
N LYS A 208 5.44 -25.88 20.98
CA LYS A 208 4.71 -26.76 21.88
C LYS A 208 4.80 -28.17 21.33
N SER A 209 5.16 -29.13 22.20
CA SER A 209 5.35 -30.49 21.74
C SER A 209 4.89 -31.45 22.84
N PHE A 210 4.78 -32.71 22.45
CA PHE A 210 4.49 -33.78 23.40
C PHE A 210 5.13 -35.07 22.91
N ASN A 211 5.41 -35.96 23.85
CA ASN A 211 5.88 -37.30 23.54
C ASN A 211 4.70 -38.25 23.52
N ARG A 212 4.56 -39.01 22.43
CA ARG A 212 3.47 -39.97 22.31
C ARG A 212 3.59 -41.05 23.40
N GLY A 213 2.82 -40.90 24.48
CA GLY A 213 2.85 -41.89 25.53
C GLY A 213 2.49 -41.38 26.92
N GLU A 214 2.69 -40.08 27.17
CA GLU A 214 2.45 -39.51 28.50
C GLU A 214 1.01 -39.70 28.96
N ARG B 1 -34.50 -3.02 -7.61
CA ARG B 1 -35.02 -2.78 -8.95
C ARG B 1 -34.85 -4.02 -9.81
N VAL B 2 -33.84 -4.00 -10.70
CA VAL B 2 -33.50 -5.19 -11.45
C VAL B 2 -32.77 -6.17 -10.54
N GLN B 3 -33.22 -7.43 -10.56
CA GLN B 3 -32.59 -8.47 -9.76
C GLN B 3 -32.36 -9.70 -10.62
N LEU B 4 -31.21 -10.36 -10.39
CA LEU B 4 -30.88 -11.63 -11.01
C LEU B 4 -31.03 -12.73 -9.97
N VAL B 5 -31.89 -13.70 -10.26
CA VAL B 5 -32.14 -14.81 -9.35
C VAL B 5 -31.51 -16.06 -9.95
N GLN B 6 -30.59 -16.68 -9.21
CA GLN B 6 -29.87 -17.86 -9.66
C GLN B 6 -30.46 -19.12 -9.05
N SER B 7 -30.15 -20.26 -9.67
CA SER B 7 -30.67 -21.53 -9.21
C SER B 7 -29.95 -21.98 -7.92
N GLY B 8 -30.43 -23.09 -7.36
CA GLY B 8 -29.96 -23.53 -6.06
C GLY B 8 -28.60 -24.20 -6.10
N ALA B 9 -28.11 -24.52 -4.90
CA ALA B 9 -26.78 -25.11 -4.74
C ALA B 9 -26.74 -26.52 -5.30
N GLU B 10 -25.54 -26.94 -5.71
CA GLU B 10 -25.33 -28.20 -6.39
C GLU B 10 -24.19 -28.97 -5.73
N VAL B 11 -24.32 -30.30 -5.75
CA VAL B 11 -23.23 -31.21 -5.37
C VAL B 11 -23.00 -32.12 -6.57
N LYS B 12 -21.77 -32.16 -7.06
CA LYS B 12 -21.44 -32.90 -8.26
C LYS B 12 -20.22 -33.77 -8.03
N LYS B 13 -20.27 -34.99 -8.58
CA LYS B 13 -19.11 -35.86 -8.52
C LYS B 13 -18.06 -35.39 -9.52
N PRO B 14 -16.78 -35.63 -9.27
CA PRO B 14 -15.75 -35.25 -10.24
C PRO B 14 -15.97 -35.97 -11.56
N GLY B 15 -15.67 -35.27 -12.66
CA GLY B 15 -15.89 -35.80 -13.98
C GLY B 15 -17.26 -35.54 -14.56
N SER B 16 -18.22 -35.09 -13.74
CA SER B 16 -19.56 -34.79 -14.22
C SER B 16 -19.62 -33.34 -14.69
N SER B 17 -20.82 -32.86 -14.98
CA SER B 17 -21.03 -31.50 -15.43
C SER B 17 -22.17 -30.88 -14.61
N VAL B 18 -22.19 -29.56 -14.59
CA VAL B 18 -23.18 -28.79 -13.83
C VAL B 18 -23.77 -27.72 -14.74
N ARG B 19 -25.07 -27.49 -14.61
CA ARG B 19 -25.78 -26.45 -15.34
C ARG B 19 -26.50 -25.56 -14.33
N ILE B 20 -26.25 -24.26 -14.39
CA ILE B 20 -26.86 -23.31 -13.48
C ILE B 20 -27.51 -22.20 -14.29
N SER B 21 -28.61 -21.67 -13.76
CA SER B 21 -29.43 -20.69 -14.45
C SER B 21 -29.40 -19.36 -13.72
N CYS B 22 -29.66 -18.30 -14.47
CA CYS B 22 -29.72 -16.94 -13.94
C CYS B 22 -30.80 -16.18 -14.70
N LYS B 23 -31.86 -15.78 -14.00
CA LYS B 23 -32.99 -15.10 -14.62
C LYS B 23 -33.08 -13.66 -14.13
N ALA B 24 -33.26 -12.73 -15.07
CA ALA B 24 -33.46 -11.33 -14.73
C ALA B 24 -34.94 -11.03 -14.56
N SER B 25 -35.26 -10.23 -13.54
CA SER B 25 -36.63 -9.80 -13.31
C SER B 25 -37.14 -8.95 -14.47
N GLY B 26 -36.56 -7.76 -14.62
CA GLY B 26 -36.94 -6.88 -15.71
C GLY B 26 -35.77 -6.08 -16.24
N GLY B 27 -36.05 -5.05 -17.03
CA GLY B 27 -35.00 -4.23 -17.59
C GLY B 27 -34.42 -4.78 -18.87
N THR B 28 -33.48 -4.03 -19.43
CA THR B 28 -32.84 -4.41 -20.69
C THR B 28 -31.94 -5.62 -20.47
N PHE B 29 -32.06 -6.59 -21.35
CA PHE B 29 -31.33 -7.85 -21.23
C PHE B 29 -30.62 -8.25 -22.52
N SER B 30 -31.26 -8.05 -23.68
CA SER B 30 -30.71 -8.59 -24.92
C SER B 30 -29.46 -7.83 -25.37
N THR B 31 -29.42 -6.52 -25.12
CA THR B 31 -28.33 -5.68 -25.61
C THR B 31 -27.33 -5.31 -24.53
N LEU B 32 -27.35 -6.00 -23.40
CA LEU B 32 -26.38 -5.79 -22.33
C LEU B 32 -25.66 -7.09 -22.05
N THR B 33 -24.37 -6.99 -21.74
CA THR B 33 -23.57 -8.18 -21.51
C THR B 33 -23.97 -8.86 -20.20
N LEU B 34 -23.87 -10.19 -20.19
CA LEU B 34 -24.13 -10.99 -18.99
C LEU B 34 -22.91 -11.86 -18.75
N THR B 35 -22.22 -11.62 -17.64
CA THR B 35 -20.95 -12.28 -17.37
C THR B 35 -21.08 -13.24 -16.19
N TRP B 36 -20.24 -14.27 -16.19
CA TRP B 36 -20.19 -15.23 -15.10
C TRP B 36 -18.85 -15.13 -14.39
N VAL B 37 -18.88 -15.05 -13.07
CA VAL B 37 -17.70 -14.89 -12.22
C VAL B 37 -17.78 -15.92 -11.11
N ARG B 38 -16.66 -16.56 -10.80
CA ARG B 38 -16.64 -17.56 -9.73
C ARG B 38 -15.63 -17.17 -8.66
N GLN B 39 -15.80 -17.76 -7.49
CA GLN B 39 -14.95 -17.44 -6.34
C GLN B 39 -14.78 -18.70 -5.51
N ALA B 40 -13.58 -19.26 -5.52
CA ALA B 40 -13.30 -20.42 -4.69
C ALA B 40 -13.32 -20.03 -3.22
N PRO B 41 -13.61 -20.99 -2.32
CA PRO B 41 -13.67 -20.66 -0.89
C PRO B 41 -12.39 -20.02 -0.37
N GLY B 42 -12.46 -18.76 0.05
CA GLY B 42 -11.32 -18.07 0.61
C GLY B 42 -10.45 -17.31 -0.37
N GLN B 43 -10.70 -17.43 -1.67
CA GLN B 43 -9.89 -16.76 -2.68
C GLN B 43 -10.69 -15.63 -3.33
N GLY B 44 -10.11 -15.02 -4.36
CA GLY B 44 -10.68 -13.87 -5.01
C GLY B 44 -11.60 -14.21 -6.16
N LEU B 45 -12.06 -13.17 -6.84
CA LEU B 45 -12.98 -13.30 -7.96
C LEU B 45 -12.23 -13.67 -9.24
N GLU B 46 -12.89 -14.48 -10.07
CA GLU B 46 -12.31 -14.97 -11.33
C GLU B 46 -13.31 -14.76 -12.46
N TRP B 47 -12.96 -13.90 -13.41
CA TRP B 47 -13.79 -13.66 -14.58
C TRP B 47 -13.71 -14.87 -15.51
N MET B 48 -14.85 -15.54 -15.74
CA MET B 48 -14.86 -16.75 -16.55
C MET B 48 -15.23 -16.45 -18.00
N GLY B 49 -16.30 -15.69 -18.21
CA GLY B 49 -16.74 -15.38 -19.56
C GLY B 49 -18.09 -14.70 -19.50
N GLY B 50 -18.60 -14.36 -20.69
CA GLY B 50 -19.85 -13.65 -20.80
C GLY B 50 -20.54 -13.97 -22.11
N ILE B 51 -21.70 -13.33 -22.32
CA ILE B 51 -22.44 -13.52 -23.55
C ILE B 51 -23.24 -12.25 -23.84
N ILE B 52 -23.41 -11.97 -25.13
CA ILE B 52 -24.30 -10.92 -25.60
C ILE B 52 -25.54 -11.62 -26.15
N PRO B 53 -26.66 -11.62 -25.42
CA PRO B 53 -27.78 -12.51 -25.79
C PRO B 53 -28.33 -12.27 -27.19
N LEU B 54 -28.47 -11.01 -27.61
CA LEU B 54 -29.04 -10.72 -28.92
C LEU B 54 -28.25 -11.38 -30.04
N LEU B 55 -26.93 -11.39 -29.93
CA LEU B 55 -26.07 -11.98 -30.96
C LEU B 55 -25.70 -13.42 -30.67
N SER B 56 -26.13 -13.97 -29.52
CA SER B 56 -25.72 -15.30 -29.09
C SER B 56 -24.20 -15.42 -29.11
N LEU B 57 -23.52 -14.33 -28.74
CA LEU B 57 -22.09 -14.22 -28.91
C LEU B 57 -21.38 -14.36 -27.57
N PRO B 58 -20.73 -15.49 -27.30
CA PRO B 58 -20.01 -15.66 -26.04
C PRO B 58 -18.56 -15.24 -26.16
N ASN B 59 -17.90 -15.13 -25.00
CA ASN B 59 -16.47 -14.88 -24.93
C ASN B 59 -15.95 -15.54 -23.66
N TYR B 60 -14.99 -16.43 -23.79
CA TYR B 60 -14.46 -17.18 -22.65
C TYR B 60 -12.98 -16.90 -22.49
N THR B 61 -12.54 -16.81 -21.23
CA THR B 61 -11.12 -16.82 -20.97
C THR B 61 -10.54 -18.19 -21.35
N GLN B 62 -9.29 -18.18 -21.84
CA GLN B 62 -8.70 -19.39 -22.43
C GLN B 62 -8.68 -20.56 -21.45
N LYS B 63 -8.58 -20.26 -20.15
CA LYS B 63 -8.50 -21.31 -19.13
C LYS B 63 -9.66 -22.29 -19.24
N PHE B 64 -10.85 -21.81 -19.59
CA PHE B 64 -12.05 -22.65 -19.57
C PHE B 64 -12.53 -23.07 -20.95
N GLN B 65 -11.88 -22.63 -22.02
CA GLN B 65 -12.31 -22.99 -23.37
C GLN B 65 -12.22 -24.49 -23.57
N GLY B 66 -13.35 -25.11 -23.92
CA GLY B 66 -13.47 -26.55 -24.03
C GLY B 66 -14.36 -27.17 -22.97
N ARG B 67 -14.41 -26.58 -21.78
CA ARG B 67 -15.26 -27.08 -20.71
C ARG B 67 -16.45 -26.17 -20.39
N LEU B 68 -16.43 -24.93 -20.86
CA LEU B 68 -17.39 -23.92 -20.45
C LEU B 68 -18.30 -23.56 -21.62
N THR B 69 -19.60 -23.49 -21.35
CA THR B 69 -20.58 -23.04 -22.32
C THR B 69 -21.53 -22.07 -21.63
N ILE B 70 -21.71 -20.89 -22.21
CA ILE B 70 -22.63 -19.89 -21.70
C ILE B 70 -23.62 -19.57 -22.81
N THR B 71 -24.92 -19.75 -22.52
CA THR B 71 -26.00 -19.47 -23.45
C THR B 71 -26.98 -18.50 -22.81
N ALA B 72 -27.96 -18.05 -23.60
CA ALA B 72 -28.94 -17.09 -23.12
C ALA B 72 -30.25 -17.28 -23.86
N ASP B 73 -31.34 -16.90 -23.19
CA ASP B 73 -32.68 -16.97 -23.76
C ASP B 73 -33.34 -15.60 -23.59
N THR B 74 -33.55 -14.90 -24.70
CA THR B 74 -34.05 -13.53 -24.63
C THR B 74 -35.54 -13.49 -24.28
N SER B 75 -36.28 -14.55 -24.62
CA SER B 75 -37.71 -14.56 -24.34
C SER B 75 -38.00 -14.61 -22.84
N THR B 76 -37.14 -15.27 -22.06
CA THR B 76 -37.32 -15.36 -20.62
C THR B 76 -36.26 -14.60 -19.83
N SER B 77 -35.34 -13.91 -20.52
CA SER B 77 -34.28 -13.14 -19.86
C SER B 77 -33.47 -14.03 -18.92
N THR B 78 -33.03 -15.18 -19.43
CA THR B 78 -32.32 -16.18 -18.64
C THR B 78 -31.00 -16.52 -19.31
N SER B 79 -29.95 -16.68 -18.51
CA SER B 79 -28.66 -17.16 -18.98
C SER B 79 -28.31 -18.45 -18.26
N TYR B 80 -27.63 -19.36 -18.96
CA TYR B 80 -27.23 -20.65 -18.43
C TYR B 80 -25.72 -20.80 -18.56
N LEU B 81 -25.09 -21.24 -17.47
CA LEU B 81 -23.69 -21.65 -17.48
C LEU B 81 -23.63 -23.17 -17.40
N GLU B 82 -22.70 -23.76 -18.16
CA GLU B 82 -22.48 -25.20 -18.12
C GLU B 82 -20.98 -25.45 -18.06
N LEU B 83 -20.55 -26.16 -17.02
CA LEU B 83 -19.15 -26.48 -16.82
C LEU B 83 -19.00 -27.99 -16.71
N SER B 84 -18.25 -28.58 -17.63
CA SER B 84 -18.08 -30.03 -17.72
C SER B 84 -16.70 -30.44 -17.21
N SER B 85 -16.52 -31.75 -17.11
CA SER B 85 -15.26 -32.35 -16.63
C SER B 85 -14.85 -31.74 -15.29
N LEU B 86 -15.80 -31.73 -14.36
CA LEU B 86 -15.59 -31.04 -13.09
C LEU B 86 -14.47 -31.67 -12.28
N ARG B 87 -13.66 -30.81 -11.65
CA ARG B 87 -12.60 -31.23 -10.74
C ARG B 87 -12.79 -30.53 -9.41
N SER B 88 -12.04 -30.98 -8.40
CA SER B 88 -12.16 -30.41 -7.06
C SER B 88 -11.86 -28.92 -7.04
N GLU B 89 -11.00 -28.45 -7.96
CA GLU B 89 -10.70 -27.02 -8.02
C GLU B 89 -11.90 -26.20 -8.48
N ASP B 90 -12.92 -26.82 -9.05
CA ASP B 90 -14.10 -26.10 -9.48
C ASP B 90 -15.08 -25.80 -8.34
N THR B 91 -14.82 -26.30 -7.14
CA THR B 91 -15.63 -25.97 -5.99
C THR B 91 -15.56 -24.47 -5.72
N ALA B 92 -16.69 -23.79 -5.86
CA ALA B 92 -16.70 -22.34 -5.76
C ALA B 92 -18.14 -21.84 -5.73
N VAL B 93 -18.30 -20.56 -5.41
CA VAL B 93 -19.55 -19.85 -5.64
C VAL B 93 -19.49 -19.23 -7.02
N TYR B 94 -20.54 -19.43 -7.80
CA TYR B 94 -20.62 -18.95 -9.18
C TYR B 94 -21.62 -17.79 -9.23
N PHE B 95 -21.16 -16.65 -9.72
CA PHE B 95 -21.96 -15.43 -9.76
C PHE B 95 -22.37 -15.09 -11.19
N CYS B 96 -23.62 -14.66 -11.33
CA CYS B 96 -24.15 -14.08 -12.56
C CYS B 96 -24.18 -12.57 -12.39
N ALA B 97 -23.79 -11.84 -13.44
CA ALA B 97 -23.76 -10.38 -13.35
C ALA B 97 -24.09 -9.73 -14.69
N ARG B 98 -24.81 -8.62 -14.63
CA ARG B 98 -25.28 -7.91 -15.82
C ARG B 98 -24.59 -6.56 -15.93
N GLU B 99 -24.27 -6.17 -17.17
CA GLU B 99 -23.59 -4.91 -17.45
C GLU B 99 -24.36 -3.72 -16.88
N ALA B 100 -23.64 -2.78 -16.28
CA ALA B 100 -24.26 -1.55 -15.79
C ALA B 100 -24.58 -0.62 -16.96
N SER B 101 -25.65 0.16 -16.79
CA SER B 101 -26.12 1.09 -17.81
C SER B 101 -25.90 2.52 -17.32
N GLY B 102 -25.67 3.43 -18.27
CA GLY B 102 -25.17 4.75 -17.95
C GLY B 102 -26.10 5.92 -18.21
N TRP B 103 -25.48 7.09 -18.45
CA TRP B 103 -26.18 8.37 -18.45
C TRP B 103 -27.44 8.32 -19.30
N PHE B 104 -27.29 8.01 -20.59
CA PHE B 104 -28.47 7.81 -21.42
C PHE B 104 -28.93 6.36 -21.23
N ASP B 105 -28.55 5.49 -22.16
CA ASP B 105 -28.62 4.05 -21.96
C ASP B 105 -27.29 3.40 -22.29
N LYS B 106 -26.22 4.17 -22.22
CA LYS B 106 -24.91 3.77 -22.72
C LYS B 106 -24.38 2.60 -21.90
N PRO B 107 -24.07 1.47 -22.53
CA PRO B 107 -23.41 0.38 -21.80
C PRO B 107 -22.10 0.86 -21.19
N LEU B 108 -21.91 0.55 -19.90
CA LEU B 108 -20.76 1.01 -19.15
C LEU B 108 -19.67 -0.04 -18.98
N GLY B 109 -19.87 -1.24 -19.51
CA GLY B 109 -18.84 -2.28 -19.41
C GLY B 109 -18.70 -3.00 -18.08
N ALA B 110 -18.67 -2.25 -16.98
CA ALA B 110 -18.60 -2.85 -15.65
C ALA B 110 -19.87 -3.62 -15.33
N MET B 111 -19.78 -4.50 -14.33
CA MET B 111 -20.89 -5.35 -13.92
C MET B 111 -21.66 -4.67 -12.80
N GLY B 112 -22.89 -4.25 -13.10
CA GLY B 112 -23.68 -3.43 -12.19
C GLY B 112 -24.69 -4.17 -11.34
N VAL B 113 -25.33 -5.20 -11.91
CA VAL B 113 -26.32 -6.00 -11.21
C VAL B 113 -25.76 -7.40 -11.02
N TRP B 114 -25.82 -7.92 -9.79
CA TRP B 114 -25.24 -9.21 -9.45
C TRP B 114 -26.31 -10.14 -8.90
N GLY B 115 -26.24 -11.42 -9.28
CA GLY B 115 -27.06 -12.43 -8.67
C GLY B 115 -26.58 -12.75 -7.28
N GLN B 116 -27.34 -13.61 -6.60
CA GLN B 116 -27.02 -13.96 -5.22
C GLN B 116 -25.97 -15.06 -5.11
N GLY B 117 -25.59 -15.69 -6.22
CA GLY B 117 -24.56 -16.72 -6.18
C GLY B 117 -25.14 -18.11 -6.07
N THR B 118 -24.43 -19.07 -6.68
CA THR B 118 -24.78 -20.48 -6.62
C THR B 118 -23.53 -21.26 -6.20
N MET B 119 -23.62 -21.98 -5.09
CA MET B 119 -22.51 -22.77 -4.58
C MET B 119 -22.47 -24.14 -5.26
N VAL B 120 -21.30 -24.52 -5.76
CA VAL B 120 -21.09 -25.81 -6.40
C VAL B 120 -19.96 -26.51 -5.65
N VAL B 121 -20.26 -27.65 -5.05
CA VAL B 121 -19.26 -28.47 -4.36
C VAL B 121 -18.98 -29.70 -5.22
N VAL B 122 -17.71 -29.92 -5.52
CA VAL B 122 -17.28 -31.08 -6.30
C VAL B 122 -16.68 -32.07 -5.30
N SER B 123 -17.40 -33.15 -5.03
CA SER B 123 -16.95 -34.17 -4.09
C SER B 123 -17.55 -35.51 -4.47
N SER B 124 -16.76 -36.56 -4.29
CA SER B 124 -17.22 -37.92 -4.47
C SER B 124 -17.89 -38.49 -3.23
N ALA B 125 -18.03 -37.71 -2.17
CA ALA B 125 -18.57 -38.22 -0.93
C ALA B 125 -20.09 -38.26 -0.98
N SER B 126 -20.66 -39.12 -0.13
CA SER B 126 -22.09 -39.17 0.10
C SER B 126 -22.38 -38.54 1.45
N THR B 127 -23.67 -38.40 1.77
CA THR B 127 -24.07 -37.77 3.01
C THR B 127 -23.59 -38.58 4.20
N LYS B 128 -22.88 -37.93 5.13
CA LYS B 128 -22.32 -38.62 6.28
C LYS B 128 -22.31 -37.70 7.49
N GLY B 129 -22.77 -38.22 8.62
CA GLY B 129 -22.72 -37.49 9.87
C GLY B 129 -21.32 -37.50 10.45
N PRO B 130 -21.00 -36.50 11.26
CA PRO B 130 -19.63 -36.35 11.75
C PRO B 130 -19.30 -37.26 12.91
N SER B 131 -18.03 -37.64 12.98
CA SER B 131 -17.45 -38.18 14.21
C SER B 131 -16.89 -37.02 15.02
N VAL B 132 -17.17 -37.03 16.32
CA VAL B 132 -16.80 -35.94 17.21
C VAL B 132 -15.80 -36.49 18.22
N PHE B 133 -14.56 -35.98 18.17
CA PHE B 133 -13.46 -36.43 19.01
C PHE B 133 -13.06 -35.34 20.00
N PRO B 134 -12.73 -35.73 21.23
CA PRO B 134 -12.37 -34.72 22.24
C PRO B 134 -10.96 -34.17 22.02
N LEU B 135 -10.82 -32.86 22.23
CA LEU B 135 -9.52 -32.20 22.31
C LEU B 135 -9.26 -31.94 23.79
N ALA B 136 -8.60 -32.88 24.44
CA ALA B 136 -8.50 -32.90 25.90
C ALA B 136 -7.49 -31.85 26.38
N PRO B 137 -7.80 -31.11 27.45
CA PRO B 137 -6.90 -30.12 28.05
C PRO B 137 -5.73 -30.76 28.79
N GLY B 145 -3.26 -19.66 34.47
CA GLY B 145 -4.28 -20.56 34.97
C GLY B 145 -5.43 -20.76 34.00
N THR B 146 -5.14 -20.69 32.70
CA THR B 146 -6.12 -20.87 31.65
C THR B 146 -5.85 -22.17 30.91
N ALA B 147 -6.91 -22.93 30.66
CA ALA B 147 -6.84 -24.19 29.94
C ALA B 147 -7.71 -24.14 28.69
N ALA B 148 -7.23 -24.75 27.61
CA ALA B 148 -7.96 -24.84 26.35
C ALA B 148 -8.45 -26.26 26.13
N LEU B 149 -9.69 -26.38 25.64
CA LEU B 149 -10.27 -27.68 25.33
C LEU B 149 -11.24 -27.49 24.17
N GLY B 150 -11.59 -28.59 23.53
CA GLY B 150 -12.50 -28.48 22.39
C GLY B 150 -12.89 -29.84 21.86
N CYS B 151 -13.57 -29.80 20.71
CA CYS B 151 -14.04 -30.99 20.01
CA CYS B 151 -14.01 -31.01 20.02
C CYS B 151 -13.63 -30.91 18.55
N LEU B 152 -13.19 -32.03 18.00
CA LEU B 152 -12.83 -32.14 16.59
C LEU B 152 -13.99 -32.79 15.86
N VAL B 153 -14.65 -32.02 15.00
CA VAL B 153 -15.82 -32.48 14.24
C VAL B 153 -15.31 -32.88 12.86
N LYS B 154 -15.06 -34.17 12.67
CA LYS B 154 -14.30 -34.67 11.54
C LYS B 154 -15.15 -35.56 10.63
N ASP B 155 -14.95 -35.40 9.33
CA ASP B 155 -15.44 -36.31 8.30
C ASP B 155 -16.97 -36.31 8.21
N TYR B 156 -17.51 -35.17 7.80
CA TYR B 156 -18.94 -35.04 7.55
C TYR B 156 -19.15 -34.42 6.17
N PHE B 157 -20.38 -34.60 5.67
CA PHE B 157 -20.77 -34.08 4.37
C PHE B 157 -22.29 -34.14 4.24
N PRO B 158 -22.93 -33.07 3.74
CA PRO B 158 -22.30 -31.80 3.39
C PRO B 158 -22.33 -30.79 4.53
N GLU B 159 -22.03 -29.54 4.22
CA GLU B 159 -22.25 -28.45 5.16
C GLU B 159 -23.75 -28.22 5.35
N PRO B 160 -24.16 -27.62 6.49
CA PRO B 160 -23.35 -27.14 7.60
C PRO B 160 -23.47 -27.98 8.87
N VAL B 161 -22.69 -27.60 9.88
CA VAL B 161 -22.75 -28.17 11.21
C VAL B 161 -22.84 -27.02 12.21
N THR B 162 -23.74 -27.13 13.17
CA THR B 162 -23.82 -26.18 14.27
C THR B 162 -23.24 -26.82 15.53
N VAL B 163 -22.49 -26.02 16.30
CA VAL B 163 -21.82 -26.49 17.50
C VAL B 163 -22.14 -25.54 18.65
N SER B 164 -22.48 -26.11 19.81
CA SER B 164 -22.65 -25.35 21.04
C SER B 164 -21.92 -26.07 22.16
N TRP B 165 -21.88 -25.43 23.33
CA TRP B 165 -21.18 -25.96 24.49
C TRP B 165 -22.08 -25.88 25.72
N ASN B 166 -22.20 -27.00 26.43
CA ASN B 166 -23.02 -27.08 27.65
C ASN B 166 -24.44 -26.63 27.37
N SER B 167 -24.99 -27.08 26.24
CA SER B 167 -26.35 -26.75 25.81
C SER B 167 -26.56 -25.25 25.67
N GLY B 168 -25.51 -24.52 25.31
CA GLY B 168 -25.59 -23.08 25.11
C GLY B 168 -25.27 -22.24 26.32
N ALA B 169 -25.08 -22.85 27.50
CA ALA B 169 -24.77 -22.06 28.70
C ALA B 169 -23.35 -21.52 28.69
N LEU B 170 -22.48 -22.05 27.83
CA LEU B 170 -21.09 -21.62 27.74
C LEU B 170 -20.87 -20.97 26.38
N THR B 171 -20.69 -19.65 26.37
CA THR B 171 -20.53 -18.92 25.11
C THR B 171 -19.26 -18.08 25.11
N SER B 172 -18.87 -17.56 26.27
CA SER B 172 -17.68 -16.72 26.36
CA SER B 172 -17.69 -16.72 26.35
C SER B 172 -16.42 -17.55 26.16
N GLY B 173 -15.59 -17.13 25.21
CA GLY B 173 -14.33 -17.81 24.95
C GLY B 173 -14.38 -18.93 23.94
N VAL B 174 -15.50 -19.14 23.29
CA VAL B 174 -15.64 -20.21 22.31
C VAL B 174 -15.16 -19.71 20.96
N HIS B 175 -14.38 -20.54 20.26
CA HIS B 175 -14.00 -20.29 18.87
C HIS B 175 -14.36 -21.52 18.05
N THR B 176 -15.34 -21.38 17.16
CA THR B 176 -15.67 -22.43 16.21
C THR B 176 -15.10 -22.04 14.84
N PHE B 177 -14.16 -22.82 14.34
CA PHE B 177 -13.45 -22.46 13.14
C PHE B 177 -14.24 -22.83 11.89
N PRO B 178 -14.04 -22.11 10.79
CA PRO B 178 -14.68 -22.51 9.53
C PRO B 178 -14.17 -23.87 9.08
N ALA B 179 -15.08 -24.67 8.53
CA ALA B 179 -14.74 -26.01 8.11
C ALA B 179 -13.79 -25.99 6.92
N VAL B 180 -12.94 -27.02 6.83
CA VAL B 180 -12.04 -27.21 5.70
C VAL B 180 -12.47 -28.46 4.95
N LEU B 181 -12.40 -28.39 3.61
CA LEU B 181 -12.69 -29.54 2.76
C LEU B 181 -11.39 -30.31 2.55
N GLN B 182 -11.32 -31.51 3.10
CA GLN B 182 -10.12 -32.32 3.01
C GLN B 182 -10.01 -32.97 1.63
N SER B 183 -8.86 -33.62 1.39
CA SER B 183 -8.64 -34.29 0.12
C SER B 183 -9.63 -35.43 -0.10
N SER B 184 -10.16 -36.00 0.99
CA SER B 184 -11.12 -37.09 0.88
C SER B 184 -12.49 -36.64 0.38
N GLY B 185 -12.71 -35.34 0.22
CA GLY B 185 -14.03 -34.85 -0.11
C GLY B 185 -14.98 -34.70 1.06
N LEU B 186 -14.47 -34.82 2.29
CA LEU B 186 -15.26 -34.64 3.49
C LEU B 186 -14.79 -33.40 4.24
N TYR B 187 -15.70 -32.79 4.99
CA TYR B 187 -15.40 -31.60 5.77
C TYR B 187 -14.88 -31.96 7.15
N SER B 188 -14.19 -31.01 7.76
CA SER B 188 -13.68 -31.17 9.12
CA SER B 188 -13.68 -31.17 9.12
C SER B 188 -13.48 -29.79 9.74
N LEU B 189 -13.84 -29.67 11.01
CA LEU B 189 -13.66 -28.41 11.73
C LEU B 189 -13.35 -28.71 13.19
N SER B 190 -12.92 -27.67 13.89
CA SER B 190 -12.66 -27.74 15.31
CA SER B 190 -12.66 -27.74 15.31
C SER B 190 -13.37 -26.59 16.01
N SER B 191 -13.81 -26.84 17.24
CA SER B 191 -14.40 -25.84 18.10
C SER B 191 -13.68 -25.91 19.45
N VAL B 192 -13.19 -24.77 19.93
CA VAL B 192 -12.39 -24.73 21.14
C VAL B 192 -12.95 -23.67 22.09
N VAL B 193 -12.64 -23.83 23.36
CA VAL B 193 -13.04 -22.87 24.39
C VAL B 193 -11.95 -22.81 25.44
N THR B 194 -11.74 -21.61 25.98
CA THR B 194 -10.77 -21.38 27.05
C THR B 194 -11.50 -21.25 28.38
N VAL B 195 -11.05 -22.02 29.38
CA VAL B 195 -11.73 -22.10 30.67
C VAL B 195 -10.69 -21.97 31.76
N PRO B 196 -11.11 -21.67 33.00
CA PRO B 196 -10.15 -21.63 34.11
C PRO B 196 -9.62 -23.02 34.43
N SER B 197 -8.30 -23.11 34.62
CA SER B 197 -7.67 -24.41 34.88
C SER B 197 -8.17 -25.04 36.17
N SER B 198 -8.58 -24.22 37.14
CA SER B 198 -9.08 -24.77 38.41
C SER B 198 -10.45 -25.42 38.24
N SER B 199 -11.17 -25.13 37.16
CA SER B 199 -12.52 -25.65 36.98
C SER B 199 -12.55 -27.04 36.36
N LEU B 200 -11.41 -27.57 35.91
CA LEU B 200 -11.41 -28.84 35.20
C LEU B 200 -11.89 -29.99 36.09
N GLY B 201 -11.64 -29.91 37.40
CA GLY B 201 -12.01 -31.00 38.28
C GLY B 201 -13.47 -31.04 38.67
N THR B 202 -14.18 -29.91 38.58
CA THR B 202 -15.55 -29.81 39.07
C THR B 202 -16.56 -29.37 38.03
N GLN B 203 -16.14 -28.96 36.84
CA GLN B 203 -17.06 -28.46 35.81
C GLN B 203 -17.02 -29.39 34.61
N THR B 204 -18.17 -29.97 34.29
CA THR B 204 -18.30 -30.82 33.11
C THR B 204 -18.45 -29.94 31.87
N TYR B 205 -17.71 -30.30 30.82
CA TYR B 205 -17.75 -29.58 29.55
C TYR B 205 -18.19 -30.53 28.46
N ILE B 206 -19.31 -30.22 27.81
CA ILE B 206 -19.93 -31.06 26.79
C ILE B 206 -20.11 -30.23 25.53
N CYS B 207 -19.68 -30.78 24.40
CA CYS B 207 -19.83 -30.11 23.12
CA CYS B 207 -19.82 -30.12 23.10
C CYS B 207 -20.99 -30.76 22.36
N ASN B 208 -21.93 -29.93 21.92
CA ASN B 208 -23.14 -30.39 21.24
C ASN B 208 -23.01 -30.08 19.75
N VAL B 209 -23.20 -31.11 18.92
CA VAL B 209 -23.00 -31.01 17.48
C VAL B 209 -24.29 -31.44 16.80
N ASN B 210 -24.77 -30.61 15.87
CA ASN B 210 -25.94 -30.92 15.05
C ASN B 210 -25.53 -30.95 13.58
N HIS B 211 -26.02 -31.97 12.87
CA HIS B 211 -25.82 -32.09 11.42
C HIS B 211 -27.19 -32.43 10.81
N LYS B 212 -27.91 -31.38 10.40
CA LYS B 212 -29.24 -31.57 9.84
C LYS B 212 -29.27 -32.42 8.56
N PRO B 213 -28.32 -32.32 7.62
CA PRO B 213 -28.42 -33.15 6.40
C PRO B 213 -28.49 -34.65 6.69
N SER B 214 -27.83 -35.12 7.75
CA SER B 214 -27.91 -36.51 8.15
C SER B 214 -28.83 -36.74 9.33
N ASN B 215 -29.47 -35.69 9.83
CA ASN B 215 -30.34 -35.77 11.01
C ASN B 215 -29.60 -36.40 12.19
N THR B 216 -28.39 -35.91 12.42
CA THR B 216 -27.51 -36.44 13.46
C THR B 216 -27.30 -35.40 14.55
N LYS B 217 -27.51 -35.80 15.80
CA LYS B 217 -27.15 -35.01 16.97
C LYS B 217 -26.15 -35.80 17.79
N VAL B 218 -25.09 -35.13 18.25
CA VAL B 218 -24.02 -35.75 19.01
C VAL B 218 -23.68 -34.87 20.20
N ASP B 219 -23.47 -35.51 21.36
CA ASP B 219 -22.97 -34.86 22.57
C ASP B 219 -21.72 -35.61 23.02
N LYS B 220 -20.62 -34.87 23.20
CA LYS B 220 -19.34 -35.48 23.57
C LYS B 220 -18.79 -34.78 24.79
N LYS B 221 -18.63 -35.52 25.88
CA LYS B 221 -18.00 -35.00 27.08
C LYS B 221 -16.50 -34.90 26.88
N VAL B 222 -15.92 -33.74 27.18
CA VAL B 222 -14.49 -33.51 27.08
C VAL B 222 -13.94 -33.36 28.49
N GLU B 223 -13.05 -34.27 28.86
CA GLU B 223 -12.52 -34.35 30.21
C GLU B 223 -11.00 -34.44 30.16
N PRO B 224 -10.31 -34.03 31.23
CA PRO B 224 -8.84 -34.12 31.23
C PRO B 224 -8.36 -35.54 31.06
N LYS B 225 -7.14 -35.67 30.51
CA LYS B 225 -6.53 -36.96 30.25
C LYS B 225 -6.35 -37.78 31.52
N GLU C 1 15.91 -8.37 6.73
CA GLU C 1 16.09 -7.11 7.44
C GLU C 1 14.81 -6.68 8.15
N ILE C 2 14.96 -5.83 9.17
CA ILE C 2 13.83 -5.36 9.95
C ILE C 2 13.18 -4.20 9.19
N VAL C 3 11.89 -4.35 8.88
CA VAL C 3 11.12 -3.34 8.17
C VAL C 3 10.37 -2.49 9.20
N LEU C 4 10.46 -1.17 9.05
CA LEU C 4 9.80 -0.21 9.93
C LEU C 4 8.69 0.50 9.17
N THR C 5 7.47 0.45 9.70
CA THR C 5 6.31 1.07 9.06
C THR C 5 5.79 2.18 9.96
N GLN C 6 5.74 3.39 9.44
CA GLN C 6 5.24 4.54 10.17
C GLN C 6 3.82 4.88 9.76
N SER C 7 3.06 5.45 10.71
CA SER C 7 1.71 5.89 10.46
C SER C 7 1.42 7.06 11.39
N PRO C 8 0.65 8.07 10.93
CA PRO C 8 0.16 8.15 9.55
C PRO C 8 1.20 8.72 8.61
N ASP C 9 0.91 8.76 7.31
CA ASP C 9 1.88 9.34 6.37
C ASP C 9 1.95 10.84 6.52
N THR C 10 0.81 11.50 6.71
CA THR C 10 0.73 12.95 6.90
C THR C 10 -0.15 13.24 8.10
N LEU C 11 0.28 14.21 8.91
CA LEU C 11 -0.46 14.67 10.07
C LEU C 11 -0.67 16.17 9.92
N SER C 12 -1.93 16.61 9.84
CA SER C 12 -2.27 18.02 9.71
C SER C 12 -2.82 18.51 11.05
N LEU C 13 -2.05 19.35 11.73
CA LEU C 13 -2.42 19.87 13.04
C LEU C 13 -2.05 21.34 13.13
N SER C 14 -2.67 22.01 14.09
CA SER C 14 -2.40 23.40 14.38
C SER C 14 -1.43 23.53 15.55
N PRO C 15 -0.65 24.61 15.60
CA PRO C 15 0.26 24.79 16.73
C PRO C 15 -0.50 24.82 18.05
N GLY C 16 0.07 24.17 19.06
CA GLY C 16 -0.58 23.98 20.33
C GLY C 16 -1.22 22.62 20.51
N GLU C 17 -1.48 21.90 19.42
CA GLU C 17 -2.08 20.58 19.52
C GLU C 17 -1.02 19.52 19.80
N ARG C 18 -1.48 18.36 20.25
CA ARG C 18 -0.62 17.22 20.53
C ARG C 18 -0.51 16.34 19.30
N ALA C 19 0.71 15.92 18.96
CA ALA C 19 0.95 15.03 17.84
C ALA C 19 1.38 13.67 18.36
N THR C 20 0.84 12.61 17.74
CA THR C 20 1.16 11.24 18.09
C THR C 20 1.54 10.49 16.83
N LEU C 21 2.78 10.00 16.78
CA LEU C 21 3.34 9.34 15.60
C LEU C 21 3.68 7.90 15.95
N SER C 22 3.39 6.99 15.03
CA SER C 22 3.56 5.56 15.27
C SER C 22 4.66 4.97 14.38
N CYS C 23 5.32 3.95 14.90
CA CYS C 23 6.34 3.19 14.18
C CYS C 23 6.22 1.74 14.62
N ARG C 24 6.08 0.83 13.66
CA ARG C 24 5.94 -0.60 13.94
C ARG C 24 7.07 -1.36 13.28
N ALA C 25 7.70 -2.26 14.05
CA ALA C 25 8.81 -3.06 13.57
C ALA C 25 8.32 -4.43 13.13
N SER C 26 8.92 -4.94 12.04
CA SER C 26 8.52 -6.24 11.51
C SER C 26 8.84 -7.38 12.48
N GLU C 27 9.83 -7.19 13.34
CA GLU C 27 10.14 -8.16 14.39
C GLU C 27 10.47 -7.40 15.67
N THR C 28 10.52 -8.13 16.78
CA THR C 28 10.71 -7.50 18.07
C THR C 28 12.06 -6.80 18.16
N ILE C 29 12.05 -5.56 18.63
CA ILE C 29 13.28 -4.82 18.88
C ILE C 29 13.67 -5.02 20.33
N ARG C 30 14.15 -6.23 20.65
CA ARG C 30 14.74 -6.45 21.97
C ARG C 30 15.94 -5.52 22.12
N ASN C 31 16.12 -4.99 23.33
CA ASN C 31 17.10 -3.99 23.78
C ASN C 31 16.69 -2.57 23.39
N ASN C 32 15.59 -2.39 22.65
CA ASN C 32 14.98 -1.08 22.41
C ASN C 32 15.89 -0.13 21.65
N ASN C 33 16.77 -0.66 20.79
CA ASN C 33 17.63 0.16 19.94
C ASN C 33 16.77 0.77 18.83
N LEU C 34 16.04 1.83 19.19
CA LEU C 34 15.10 2.49 18.28
C LEU C 34 15.27 3.99 18.44
N ALA C 35 15.40 4.72 17.34
CA ALA C 35 15.66 6.15 17.39
C ALA C 35 14.64 6.91 16.54
N TRP C 36 14.44 8.18 16.90
CA TRP C 36 13.60 9.10 16.13
C TRP C 36 14.44 10.30 15.67
N TYR C 37 14.21 10.73 14.44
CA TYR C 37 14.92 11.86 13.86
C TYR C 37 13.93 12.86 13.29
N GLN C 38 14.37 14.12 13.21
CA GLN C 38 13.59 15.21 12.64
C GLN C 38 14.36 15.78 11.45
N GLN C 39 13.64 16.17 10.39
CA GLN C 39 14.29 16.79 9.24
C GLN C 39 13.40 17.86 8.62
N SER C 40 13.95 19.05 8.48
CA SER C 40 13.38 20.19 7.78
C SER C 40 13.93 20.24 6.35
N PRO C 41 13.16 20.79 5.39
CA PRO C 41 13.62 20.78 4.00
C PRO C 41 14.91 21.54 3.82
N GLY C 42 15.83 20.95 3.05
CA GLY C 42 17.12 21.53 2.78
C GLY C 42 18.15 21.36 3.88
N GLN C 43 17.80 20.68 4.97
CA GLN C 43 18.70 20.53 6.11
C GLN C 43 18.91 19.07 6.45
N ALA C 44 19.99 18.80 7.18
CA ALA C 44 20.31 17.44 7.57
C ALA C 44 19.38 16.98 8.69
N PRO C 45 19.18 15.67 8.82
CA PRO C 45 18.37 15.14 9.93
C PRO C 45 18.99 15.46 11.28
N ARG C 46 18.16 15.39 12.32
CA ARG C 46 18.54 15.73 13.69
C ARG C 46 18.03 14.65 14.63
N LEU C 47 18.91 14.12 15.47
CA LEU C 47 18.50 13.11 16.44
C LEU C 47 17.62 13.72 17.52
N LEU C 48 16.49 13.07 17.80
CA LEU C 48 15.56 13.51 18.84
C LEU C 48 15.51 12.56 20.03
N VAL C 49 15.35 11.27 19.78
CA VAL C 49 15.15 10.26 20.80
C VAL C 49 16.01 9.06 20.46
N TYR C 50 16.63 8.46 21.47
CA TYR C 50 17.36 7.21 21.30
C TYR C 50 16.94 6.24 22.38
N GLY C 51 17.21 4.96 22.14
CA GLY C 51 16.82 3.94 23.09
C GLY C 51 15.33 3.87 23.32
N ALA C 52 14.54 4.21 22.31
CA ALA C 52 13.08 4.24 22.33
C ALA C 52 12.52 5.36 23.20
N SER C 53 13.11 5.62 24.37
CA SER C 53 12.47 6.51 25.34
C SER C 53 13.39 7.58 25.93
N SER C 54 14.62 7.74 25.44
CA SER C 54 15.55 8.72 25.97
C SER C 54 15.65 9.90 25.01
N THR C 55 15.19 11.07 25.45
CA THR C 55 15.32 12.28 24.63
C THR C 55 16.77 12.74 24.61
N ALA C 56 17.26 13.07 23.42
CA ALA C 56 18.64 13.49 23.28
C ALA C 56 18.88 14.81 23.99
N THR C 57 20.14 15.04 24.38
CA THR C 57 20.50 16.27 25.06
C THR C 57 20.32 17.46 24.13
N GLY C 58 19.72 18.52 24.63
CA GLY C 58 19.43 19.69 23.83
C GLY C 58 18.11 19.66 23.09
N VAL C 59 17.38 18.56 23.15
CA VAL C 59 16.09 18.42 22.49
C VAL C 59 14.99 18.89 23.44
N PRO C 60 14.05 19.72 23.00
CA PRO C 60 13.01 20.21 23.90
C PRO C 60 12.21 19.08 24.54
N GLY C 61 11.74 19.33 25.76
CA GLY C 61 11.03 18.35 26.57
C GLY C 61 9.64 17.99 26.08
N ARG C 62 9.11 18.71 25.09
CA ARG C 62 7.82 18.33 24.53
C ARG C 62 7.92 17.11 23.61
N PHE C 63 9.12 16.71 23.20
CA PHE C 63 9.33 15.47 22.48
C PHE C 63 9.51 14.32 23.46
N SER C 64 8.78 13.23 23.24
CA SER C 64 8.83 12.09 24.16
C SER C 64 8.62 10.82 23.37
N GLY C 65 9.51 9.84 23.56
CA GLY C 65 9.40 8.54 22.94
C GLY C 65 8.94 7.50 23.93
N SER C 66 8.20 6.51 23.45
CA SER C 66 7.72 5.41 24.28
C SER C 66 7.45 4.21 23.39
N GLY C 67 7.11 3.10 24.03
CA GLY C 67 6.80 1.87 23.33
C GLY C 67 7.84 0.79 23.60
N SER C 68 7.44 -0.45 23.33
CA SER C 68 8.33 -1.59 23.52
C SER C 68 7.93 -2.71 22.56
N GLY C 69 8.88 -3.61 22.33
CA GLY C 69 8.64 -4.75 21.47
C GLY C 69 8.61 -4.39 20.01
N THR C 70 7.42 -4.27 19.44
CA THR C 70 7.25 -3.91 18.03
C THR C 70 6.58 -2.58 17.80
N ASP C 71 5.82 -2.05 18.77
CA ASP C 71 5.07 -0.81 18.61
C ASP C 71 5.77 0.31 19.37
N PHE C 72 6.06 1.41 18.68
CA PHE C 72 6.74 2.54 19.27
C PHE C 72 6.02 3.83 18.90
N THR C 73 6.16 4.84 19.77
CA THR C 73 5.39 6.07 19.64
C THR C 73 6.27 7.26 19.96
N LEU C 74 6.20 8.29 19.12
CA LEU C 74 6.79 9.60 19.40
C LEU C 74 5.66 10.58 19.67
N THR C 75 5.73 11.27 20.80
CA THR C 75 4.69 12.22 21.20
C THR C 75 5.29 13.61 21.29
N ILE C 76 4.65 14.57 20.61
CA ILE C 76 4.94 15.99 20.76
C ILE C 76 3.77 16.59 21.53
N SER C 77 4.01 16.94 22.79
CA SER C 77 2.91 17.32 23.69
C SER C 77 2.21 18.60 23.24
N ARG C 78 2.96 19.56 22.70
CA ARG C 78 2.37 20.84 22.30
C ARG C 78 3.18 21.36 21.12
N LEU C 79 2.59 21.30 19.92
CA LEU C 79 3.33 21.68 18.71
C LEU C 79 3.70 23.15 18.71
N GLU C 80 4.94 23.43 18.32
CA GLU C 80 5.45 24.76 18.04
C GLU C 80 5.72 24.91 16.54
N PRO C 81 5.79 26.14 16.02
CA PRO C 81 5.99 26.31 14.57
C PRO C 81 7.22 25.60 14.03
N GLU C 82 8.30 25.50 14.81
CA GLU C 82 9.49 24.82 14.31
C GLU C 82 9.34 23.31 14.30
N ASP C 83 8.25 22.76 14.83
CA ASP C 83 8.05 21.31 14.88
C ASP C 83 7.42 20.73 13.62
N PHE C 84 6.93 21.57 12.71
CA PHE C 84 6.29 21.07 11.49
C PHE C 84 7.38 20.68 10.52
N ALA C 85 7.61 19.37 10.39
CA ALA C 85 8.70 18.82 9.61
C ALA C 85 8.39 17.35 9.35
N VAL C 86 9.39 16.61 8.88
CA VAL C 86 9.26 15.17 8.65
C VAL C 86 9.99 14.44 9.76
N TYR C 87 9.41 13.34 10.23
CA TYR C 87 9.96 12.55 11.33
C TYR C 87 10.18 11.11 10.87
N TYR C 88 11.35 10.55 11.19
CA TYR C 88 11.73 9.21 10.80
C TYR C 88 12.10 8.40 12.03
N CYS C 89 11.60 7.17 12.11
CA CYS C 89 12.14 6.22 13.08
C CYS C 89 13.23 5.36 12.42
N GLN C 90 14.09 4.79 13.26
CA GLN C 90 15.22 4.01 12.77
C GLN C 90 15.61 3.00 13.84
N GLN C 91 15.95 1.79 13.41
CA GLN C 91 16.38 0.73 14.32
C GLN C 91 17.86 0.42 14.12
N TYR C 92 18.56 0.25 15.23
CA TYR C 92 19.96 -0.16 15.25
C TYR C 92 20.12 -1.38 16.15
N TYR C 93 19.17 -2.30 16.08
CA TYR C 93 19.21 -3.56 16.82
C TYR C 93 19.95 -4.65 16.05
N LYS C 94 19.54 -4.91 14.80
CA LYS C 94 20.15 -5.92 13.97
C LYS C 94 20.54 -5.31 12.63
N PRO C 95 21.78 -5.52 12.16
CA PRO C 95 22.15 -5.01 10.84
C PRO C 95 21.35 -5.69 9.75
N PRO C 96 21.06 -4.99 8.65
CA PRO C 96 21.46 -3.59 8.44
C PRO C 96 20.52 -2.61 9.13
N GLY C 97 21.01 -1.42 9.44
CA GLY C 97 20.11 -0.38 9.91
C GLY C 97 19.04 -0.08 8.87
N THR C 98 17.85 0.28 9.36
CA THR C 98 16.73 0.58 8.49
C THR C 98 15.94 1.76 9.06
N PHE C 99 15.37 2.55 8.16
CA PHE C 99 14.53 3.68 8.50
C PHE C 99 13.08 3.38 8.16
N GLY C 100 12.17 4.03 8.89
CA GLY C 100 10.79 4.11 8.43
C GLY C 100 10.68 5.05 7.25
N GLN C 101 9.50 5.05 6.62
CA GLN C 101 9.33 5.85 5.41
C GLN C 101 9.04 7.31 5.70
N GLY C 102 8.82 7.70 6.95
CA GLY C 102 8.66 9.10 7.29
C GLY C 102 7.20 9.49 7.49
N THR C 103 6.99 10.42 8.43
CA THR C 103 5.68 11.01 8.67
C THR C 103 5.82 12.53 8.61
N LYS C 104 5.01 13.16 7.76
CA LYS C 104 5.03 14.61 7.60
C LYS C 104 4.04 15.25 8.57
N VAL C 105 4.52 16.17 9.40
CA VAL C 105 3.67 16.95 10.28
C VAL C 105 3.45 18.30 9.62
N GLU C 106 2.22 18.54 9.16
CA GLU C 106 1.88 19.67 8.32
C GLU C 106 1.02 20.68 9.06
N PHE C 107 1.19 21.96 8.71
CA PHE C 107 0.50 23.05 9.39
C PHE C 107 -0.95 23.11 8.92
N LYS C 108 -1.88 23.01 9.87
CA LYS C 108 -3.30 23.11 9.56
C LYS C 108 -3.72 24.57 9.47
N ARG C 109 -4.45 24.90 8.41
CA ARG C 109 -4.91 26.24 8.12
C ARG C 109 -6.38 26.19 7.74
N THR C 110 -7.03 27.35 7.76
CA THR C 110 -8.36 27.43 7.15
C THR C 110 -8.25 27.19 5.64
N VAL C 111 -9.31 26.62 5.07
CA VAL C 111 -9.33 26.34 3.65
C VAL C 111 -9.18 27.63 2.85
N ALA C 112 -8.33 27.59 1.83
CA ALA C 112 -8.06 28.75 0.98
C ALA C 112 -8.10 28.30 -0.47
N ALA C 113 -9.03 28.87 -1.24
CA ALA C 113 -9.16 28.54 -2.65
C ALA C 113 -8.01 29.16 -3.45
N PRO C 114 -7.53 28.46 -4.47
CA PRO C 114 -6.43 29.01 -5.27
C PRO C 114 -6.89 30.06 -6.28
N SER C 115 -6.00 31.01 -6.54
CA SER C 115 -6.15 31.93 -7.67
C SER C 115 -5.50 31.28 -8.88
N VAL C 116 -6.24 31.20 -9.99
CA VAL C 116 -5.83 30.43 -11.15
C VAL C 116 -5.51 31.39 -12.30
N PHE C 117 -4.37 31.15 -12.95
CA PHE C 117 -3.95 31.93 -14.11
C PHE C 117 -3.40 30.97 -15.16
N ILE C 118 -3.55 31.34 -16.43
CA ILE C 118 -3.03 30.55 -17.53
C ILE C 118 -2.15 31.43 -18.40
N PHE C 119 -1.05 30.86 -18.90
CA PHE C 119 -0.06 31.60 -19.68
C PHE C 119 0.18 30.90 -21.00
N PRO C 120 -0.11 31.54 -22.13
CA PRO C 120 0.24 30.96 -23.43
C PRO C 120 1.74 30.96 -23.63
N PRO C 121 2.27 30.17 -24.57
CA PRO C 121 3.70 30.22 -24.85
C PRO C 121 4.09 31.56 -25.48
N SER C 122 5.34 31.95 -25.25
CA SER C 122 5.83 33.21 -25.79
C SER C 122 6.26 33.04 -27.25
N ASP C 123 6.27 34.16 -27.96
CA ASP C 123 6.74 34.15 -29.35
C ASP C 123 8.20 33.73 -29.44
N GLU C 124 9.00 34.04 -28.41
N GLU C 124 9.00 34.05 -28.41
CA GLU C 124 10.41 33.67 -28.44
CA GLU C 124 10.41 33.67 -28.41
C GLU C 124 10.60 32.16 -28.35
C GLU C 124 10.58 32.16 -28.38
N GLN C 125 9.69 31.46 -27.67
CA GLN C 125 9.76 30.00 -27.61
C GLN C 125 9.19 29.37 -28.88
N LEU C 126 8.18 29.99 -29.49
CA LEU C 126 7.59 29.42 -30.70
C LEU C 126 8.58 29.39 -31.85
N LYS C 127 9.51 30.35 -31.91
CA LYS C 127 10.53 30.35 -32.95
C LYS C 127 11.63 29.32 -32.69
N SER C 128 11.46 28.47 -31.67
CA SER C 128 12.39 27.39 -31.38
C SER C 128 11.79 26.01 -31.60
N GLY C 129 10.51 25.93 -32.00
CA GLY C 129 9.86 24.67 -32.28
C GLY C 129 9.14 24.03 -31.12
N THR C 130 9.19 24.63 -29.93
CA THR C 130 8.53 24.10 -28.76
CA THR C 130 8.53 24.09 -28.75
C THR C 130 7.52 25.10 -28.23
N ALA C 131 6.48 24.59 -27.58
CA ALA C 131 5.42 25.42 -27.00
C ALA C 131 5.10 24.92 -25.61
N SER C 132 5.24 25.79 -24.61
CA SER C 132 4.93 25.45 -23.23
C SER C 132 3.76 26.32 -22.76
N VAL C 133 2.71 25.67 -22.27
CA VAL C 133 1.55 26.35 -21.69
C VAL C 133 1.60 26.12 -20.19
N VAL C 134 1.46 27.20 -19.41
CA VAL C 134 1.67 27.17 -17.97
C VAL C 134 0.37 27.54 -17.26
N CYS C 135 -0.06 26.68 -16.34
CA CYS C 135 -1.22 26.92 -15.48
C CYS C 135 -0.72 27.12 -14.05
N LEU C 136 -1.12 28.23 -13.43
CA LEU C 136 -0.62 28.61 -12.12
C LEU C 136 -1.75 28.61 -11.09
N LEU C 137 -1.52 27.96 -9.96
CA LEU C 137 -2.44 27.94 -8.83
C LEU C 137 -1.72 28.58 -7.64
N ASN C 138 -2.24 29.70 -7.16
CA ASN C 138 -1.53 30.54 -6.21
C ASN C 138 -2.22 30.52 -4.84
N ASN C 139 -1.46 30.17 -3.81
CA ASN C 139 -1.81 30.37 -2.41
C ASN C 139 -3.12 29.65 -2.05
N PHE C 140 -3.03 28.33 -1.91
CA PHE C 140 -4.19 27.53 -1.58
C PHE C 140 -3.86 26.58 -0.42
N TYR C 141 -4.92 26.11 0.24
CA TYR C 141 -4.85 25.12 1.29
C TYR C 141 -6.20 24.42 1.33
N PRO C 142 -6.24 23.09 1.46
CA PRO C 142 -5.11 22.18 1.62
C PRO C 142 -4.33 21.91 0.34
N ARG C 143 -3.34 21.03 0.44
CA ARG C 143 -2.40 20.79 -0.66
C ARG C 143 -3.07 20.05 -1.82
N GLU C 144 -4.06 19.21 -1.54
CA GLU C 144 -4.63 18.36 -2.59
C GLU C 144 -5.39 19.18 -3.62
N ALA C 145 -4.96 19.09 -4.88
CA ALA C 145 -5.62 19.76 -5.98
C ALA C 145 -5.42 18.96 -7.25
N LYS C 146 -6.43 18.93 -8.10
CA LYS C 146 -6.38 18.21 -9.37
C LYS C 146 -6.40 19.21 -10.52
N VAL C 147 -5.39 19.12 -11.39
N VAL C 147 -5.39 19.11 -11.40
CA VAL C 147 -5.28 19.99 -12.57
CA VAL C 147 -5.26 19.97 -12.57
C VAL C 147 -5.25 19.10 -13.80
C VAL C 147 -5.25 19.08 -13.80
N GLN C 148 -6.18 19.34 -14.73
CA GLN C 148 -6.29 18.56 -15.96
C GLN C 148 -6.28 19.50 -17.16
N TRP C 149 -5.53 19.11 -18.19
CA TRP C 149 -5.41 19.90 -19.41
C TRP C 149 -6.40 19.41 -20.46
N LYS C 150 -6.98 20.37 -21.18
CA LYS C 150 -7.90 20.06 -22.28
C LYS C 150 -7.50 20.90 -23.49
N VAL C 151 -7.33 20.23 -24.63
CA VAL C 151 -6.97 20.89 -25.88
C VAL C 151 -8.07 20.56 -26.88
N ASP C 152 -8.85 21.57 -27.26
CA ASP C 152 -10.06 21.36 -28.07
C ASP C 152 -10.96 20.32 -27.42
N ASN C 153 -11.12 20.42 -26.10
CA ASN C 153 -11.90 19.52 -25.25
C ASN C 153 -11.32 18.11 -25.17
N ALA C 154 -10.13 17.88 -25.72
CA ALA C 154 -9.47 16.59 -25.61
C ALA C 154 -8.63 16.58 -24.33
N LEU C 155 -8.98 15.70 -23.40
CA LEU C 155 -8.26 15.61 -22.14
C LEU C 155 -6.86 15.07 -22.37
N GLN C 156 -5.86 15.80 -21.89
CA GLN C 156 -4.46 15.44 -22.10
C GLN C 156 -3.96 14.51 -21.02
N SER C 157 -2.97 13.70 -21.39
CA SER C 157 -2.32 12.79 -20.45
C SER C 157 -0.96 12.40 -21.01
N GLY C 158 0.08 12.53 -20.17
CA GLY C 158 1.42 12.17 -20.57
C GLY C 158 2.28 13.31 -21.08
N ASN C 159 1.75 14.52 -21.15
CA ASN C 159 2.47 15.64 -21.75
C ASN C 159 2.51 16.86 -20.82
N SER C 160 2.50 16.64 -19.51
CA SER C 160 2.53 17.75 -18.57
C SER C 160 3.23 17.34 -17.28
N GLN C 161 3.89 18.31 -16.66
N GLN C 161 3.89 18.31 -16.66
CA GLN C 161 4.52 18.13 -15.37
CA GLN C 161 4.52 18.13 -15.37
C GLN C 161 4.11 19.27 -14.45
C GLN C 161 4.12 19.28 -14.46
N GLU C 162 4.21 19.04 -13.15
CA GLU C 162 3.86 20.07 -12.18
C GLU C 162 4.79 20.00 -10.98
N SER C 163 4.95 21.13 -10.30
CA SER C 163 5.72 21.21 -9.07
C SER C 163 5.00 22.10 -8.08
N VAL C 164 5.15 21.78 -6.80
CA VAL C 164 4.48 22.49 -5.71
C VAL C 164 5.54 23.11 -4.81
N THR C 165 5.28 24.33 -4.36
CA THR C 165 6.18 24.96 -3.41
C THR C 165 6.02 24.30 -2.04
N GLU C 166 7.03 24.50 -1.19
CA GLU C 166 6.90 24.11 0.21
C GLU C 166 5.85 24.99 0.87
N GLN C 167 5.24 24.46 1.94
CA GLN C 167 4.24 25.23 2.67
C GLN C 167 4.84 26.55 3.15
N ASP C 168 4.16 27.65 2.82
CA ASP C 168 4.70 28.96 3.14
C ASP C 168 4.80 29.15 4.65
N SER C 169 5.87 29.81 5.09
CA SER C 169 6.10 30.00 6.51
C SER C 169 5.32 31.18 7.09
N LYS C 170 4.69 32.00 6.25
CA LYS C 170 3.89 33.13 6.72
C LYS C 170 2.38 32.82 6.78
N ASP C 171 1.81 32.34 5.68
CA ASP C 171 0.37 32.05 5.63
C ASP C 171 0.05 30.58 5.49
N SER C 172 1.06 29.70 5.43
CA SER C 172 0.87 28.25 5.46
C SER C 172 0.07 27.75 4.26
N THR C 173 0.26 28.39 3.11
CA THR C 173 -0.42 28.02 1.88
C THR C 173 0.57 27.38 0.91
N TYR C 174 0.03 26.82 -0.17
CA TYR C 174 0.81 26.20 -1.24
C TYR C 174 0.57 26.92 -2.55
N SER C 175 1.51 26.76 -3.48
CA SER C 175 1.36 27.20 -4.85
C SER C 175 1.80 26.08 -5.78
N LEU C 176 1.21 26.03 -6.97
CA LEU C 176 1.44 24.92 -7.89
C LEU C 176 1.45 25.45 -9.32
N SER C 177 2.40 24.96 -10.11
CA SER C 177 2.50 25.30 -11.51
C SER C 177 2.50 24.01 -12.33
N SER C 178 1.62 23.94 -13.32
CA SER C 178 1.56 22.83 -14.26
C SER C 178 1.92 23.33 -15.65
N THR C 179 2.80 22.61 -16.33
CA THR C 179 3.29 23.03 -17.63
C THR C 179 2.98 21.98 -18.67
N LEU C 180 2.21 22.35 -19.68
N LEU C 180 2.21 22.35 -19.68
CA LEU C 180 1.91 21.48 -20.81
CA LEU C 180 1.90 21.48 -20.81
C LEU C 180 2.87 21.80 -21.95
C LEU C 180 2.87 21.79 -21.95
N THR C 181 3.62 20.79 -22.39
CA THR C 181 4.62 20.96 -23.43
C THR C 181 4.20 20.21 -24.68
N LEU C 182 4.03 20.96 -25.78
CA LEU C 182 3.69 20.39 -27.07
C LEU C 182 4.68 20.91 -28.11
N SER C 183 4.81 20.16 -29.20
CA SER C 183 5.60 20.64 -30.31
C SER C 183 4.91 21.84 -30.96
N LYS C 184 5.70 22.67 -31.65
CA LYS C 184 5.14 23.83 -32.33
C LYS C 184 4.10 23.42 -33.36
N ALA C 185 4.34 22.30 -34.05
CA ALA C 185 3.38 21.82 -35.05
C ALA C 185 2.07 21.41 -34.40
N ASP C 186 2.14 20.65 -33.30
CA ASP C 186 0.92 20.22 -32.62
C ASP C 186 0.18 21.41 -32.00
N TYR C 187 0.92 22.42 -31.54
CA TYR C 187 0.28 23.56 -30.88
C TYR C 187 -0.55 24.38 -31.87
N GLU C 188 -0.04 24.58 -33.08
CA GLU C 188 -0.73 25.41 -34.07
C GLU C 188 -1.83 24.67 -34.81
N LYS C 189 -2.12 23.42 -34.45
CA LYS C 189 -3.21 22.66 -35.06
C LYS C 189 -4.52 22.77 -34.29
N HIS C 190 -4.47 23.24 -33.04
CA HIS C 190 -5.65 23.35 -32.20
C HIS C 190 -5.86 24.81 -31.80
N LYS C 191 -7.04 25.11 -31.26
CA LYS C 191 -7.40 26.48 -30.94
C LYS C 191 -7.60 26.72 -29.45
N VAL C 192 -8.43 25.91 -28.78
CA VAL C 192 -8.81 26.17 -27.39
C VAL C 192 -7.88 25.39 -26.47
N TYR C 193 -7.22 26.09 -25.55
CA TYR C 193 -6.35 25.49 -24.55
C TYR C 193 -6.85 25.88 -23.17
N ALA C 194 -7.14 24.87 -22.34
CA ALA C 194 -7.75 25.12 -21.04
C ALA C 194 -7.10 24.25 -19.98
N CYS C 195 -7.08 24.78 -18.75
CA CYS C 195 -6.64 24.02 -17.59
CA CYS C 195 -6.62 24.06 -17.58
C CYS C 195 -7.73 24.09 -16.54
N GLU C 196 -8.21 22.91 -16.13
CA GLU C 196 -9.33 22.77 -15.21
C GLU C 196 -8.82 22.38 -13.82
N VAL C 197 -9.33 23.06 -12.80
CA VAL C 197 -8.82 22.94 -11.43
C VAL C 197 -9.97 22.54 -10.51
N THR C 198 -9.73 21.54 -9.66
CA THR C 198 -10.70 21.13 -8.64
CA THR C 198 -10.69 21.12 -8.64
C THR C 198 -10.02 21.20 -7.28
N HIS C 199 -10.70 21.83 -6.32
CA HIS C 199 -10.15 22.01 -4.99
C HIS C 199 -11.28 22.18 -4.00
N GLN C 200 -10.98 21.91 -2.72
N GLN C 200 -10.99 21.90 -2.72
CA GLN C 200 -12.00 22.05 -1.67
CA GLN C 200 -12.00 22.05 -1.67
C GLN C 200 -12.46 23.48 -1.51
C GLN C 200 -12.46 23.49 -1.52
N GLY C 201 -11.58 24.45 -1.79
CA GLY C 201 -11.94 25.86 -1.65
C GLY C 201 -12.86 26.38 -2.72
N LEU C 202 -13.12 25.61 -3.77
CA LEU C 202 -13.95 26.04 -4.89
C LEU C 202 -15.32 25.36 -4.82
N SER C 203 -16.37 26.13 -5.10
CA SER C 203 -17.71 25.55 -5.12
C SER C 203 -17.91 24.62 -6.30
N SER C 204 -17.27 24.92 -7.43
CA SER C 204 -17.31 24.12 -8.63
C SER C 204 -15.96 24.19 -9.31
N PRO C 205 -15.61 23.20 -10.13
CA PRO C 205 -14.31 23.25 -10.82
C PRO C 205 -14.19 24.51 -11.68
N VAL C 206 -12.98 25.05 -11.75
CA VAL C 206 -12.69 26.32 -12.41
C VAL C 206 -11.83 26.04 -13.64
N THR C 207 -12.20 26.68 -14.76
CA THR C 207 -11.47 26.53 -16.01
C THR C 207 -10.99 27.90 -16.47
N LYS C 208 -9.68 28.02 -16.67
CA LYS C 208 -9.07 29.18 -17.34
C LYS C 208 -8.59 28.73 -18.71
N SER C 209 -8.93 29.50 -19.74
CA SER C 209 -8.63 29.08 -21.10
C SER C 209 -8.30 30.29 -21.95
N PHE C 210 -7.75 30.03 -23.12
CA PHE C 210 -7.50 31.05 -24.12
C PHE C 210 -7.58 30.42 -25.51
N ASN C 211 -7.89 31.25 -26.50
CA ASN C 211 -7.88 30.83 -27.90
C ASN C 211 -6.59 31.30 -28.55
N ARG C 212 -5.87 30.37 -29.17
CA ARG C 212 -4.60 30.69 -29.82
C ARG C 212 -4.81 31.72 -30.91
N GLY C 213 -3.96 32.74 -30.91
CA GLY C 213 -4.02 33.78 -31.91
C GLY C 213 -4.67 35.08 -31.48
N GLU C 214 -4.64 35.41 -30.18
CA GLU C 214 -5.19 36.66 -29.70
C GLU C 214 -4.72 36.95 -28.27
N ARG D 1 30.65 21.62 19.72
CA ARG D 1 31.53 22.10 18.66
C ARG D 1 31.92 20.95 17.72
N VAL D 2 31.40 19.76 18.00
CA VAL D 2 31.63 18.62 17.13
C VAL D 2 30.94 18.87 15.79
N GLN D 3 31.63 18.58 14.70
CA GLN D 3 31.08 18.83 13.38
C GLN D 3 31.66 17.85 12.37
N LEU D 4 30.85 17.53 11.37
CA LEU D 4 31.26 16.72 10.23
C LEU D 4 31.11 17.58 8.97
N VAL D 5 32.18 17.69 8.20
CA VAL D 5 32.19 18.49 6.99
C VAL D 5 32.44 17.56 5.79
N GLN D 6 31.54 17.59 4.82
CA GLN D 6 31.62 16.74 3.64
C GLN D 6 32.09 17.54 2.43
N SER D 7 32.59 16.81 1.43
CA SER D 7 33.05 17.44 0.20
C SER D 7 31.87 17.92 -0.64
N GLY D 8 32.18 18.69 -1.70
CA GLY D 8 31.16 19.36 -2.46
C GLY D 8 30.41 18.45 -3.44
N ALA D 9 29.40 19.04 -4.07
CA ALA D 9 28.50 18.32 -4.96
C ALA D 9 29.23 17.82 -6.21
N GLU D 10 28.67 16.78 -6.82
CA GLU D 10 29.30 16.10 -7.93
C GLU D 10 28.27 15.77 -9.01
N VAL D 11 28.70 15.85 -10.26
CA VAL D 11 27.92 15.39 -11.41
C VAL D 11 28.71 14.27 -12.07
N LYS D 12 28.12 13.08 -12.13
CA LYS D 12 28.80 11.91 -12.65
C LYS D 12 28.03 11.32 -13.83
N LYS D 13 28.78 10.74 -14.78
CA LYS D 13 28.16 10.03 -15.88
C LYS D 13 27.76 8.61 -15.44
N PRO D 14 26.72 8.04 -16.05
CA PRO D 14 26.33 6.67 -15.70
C PRO D 14 27.46 5.69 -16.00
N GLY D 15 27.74 4.81 -15.04
CA GLY D 15 28.79 3.83 -15.16
C GLY D 15 30.09 4.23 -14.49
N SER D 16 30.21 5.45 -14.00
CA SER D 16 31.44 5.91 -13.36
C SER D 16 31.37 5.64 -11.85
N SER D 17 32.35 6.16 -11.12
CA SER D 17 32.39 6.02 -9.67
C SER D 17 32.52 7.39 -9.03
N VAL D 18 32.02 7.50 -7.80
CA VAL D 18 32.08 8.75 -7.04
C VAL D 18 32.76 8.48 -5.71
N ARG D 19 33.50 9.47 -5.22
CA ARG D 19 34.19 9.40 -3.94
C ARG D 19 33.85 10.64 -3.13
N ILE D 20 33.27 10.44 -1.94
CA ILE D 20 32.84 11.51 -1.07
C ILE D 20 33.61 11.42 0.23
N SER D 21 34.01 12.56 0.77
CA SER D 21 34.77 12.61 2.02
C SER D 21 33.94 13.24 3.13
N CYS D 22 34.33 12.93 4.36
CA CYS D 22 33.64 13.44 5.54
C CYS D 22 34.65 13.55 6.67
N LYS D 23 34.93 14.77 7.12
CA LYS D 23 35.97 15.02 8.10
C LYS D 23 35.37 15.50 9.41
N ALA D 24 35.75 14.85 10.50
CA ALA D 24 35.29 15.23 11.83
C ALA D 24 36.25 16.22 12.46
N SER D 25 35.69 17.22 13.15
CA SER D 25 36.48 18.21 13.87
C SER D 25 35.87 18.44 15.24
N GLY D 26 36.71 18.49 16.27
CA GLY D 26 36.25 18.79 17.61
C GLY D 26 35.53 17.65 18.28
N GLY D 27 36.10 16.46 18.25
CA GLY D 27 35.51 15.30 18.89
C GLY D 27 36.19 14.00 18.51
N THR D 28 35.96 12.95 19.29
CA THR D 28 36.56 11.65 19.01
C THR D 28 35.99 11.07 17.72
N PHE D 29 36.61 9.97 17.27
CA PHE D 29 36.32 9.46 15.94
C PHE D 29 36.55 7.97 15.81
N SER D 30 37.69 7.47 16.28
CA SER D 30 38.11 6.12 15.91
C SER D 30 37.30 5.04 16.61
N THR D 31 36.72 5.33 17.78
CA THR D 31 36.01 4.30 18.55
C THR D 31 34.50 4.42 18.46
N LEU D 32 33.98 5.22 17.54
CA LEU D 32 32.55 5.39 17.35
C LEU D 32 32.21 5.08 15.91
N THR D 33 31.00 4.55 15.69
CA THR D 33 30.63 4.17 14.34
C THR D 33 30.35 5.41 13.49
N LEU D 34 30.62 5.28 12.19
CA LEU D 34 30.35 6.34 11.23
C LEU D 34 29.57 5.74 10.08
N THR D 35 28.33 6.18 9.89
CA THR D 35 27.46 5.60 8.90
C THR D 35 27.18 6.58 7.78
N TRP D 36 26.84 6.03 6.61
CA TRP D 36 26.46 6.82 5.44
C TRP D 36 25.01 6.56 5.11
N VAL D 37 24.27 7.64 4.88
CA VAL D 37 22.83 7.62 4.63
C VAL D 37 22.56 8.48 3.40
N ARG D 38 21.69 8.01 2.51
CA ARG D 38 21.37 8.77 1.32
C ARG D 38 19.86 9.04 1.26
N GLN D 39 19.51 10.03 0.43
CA GLN D 39 18.12 10.48 0.33
C GLN D 39 17.87 10.94 -1.09
N ALA D 40 17.09 10.17 -1.84
CA ALA D 40 16.72 10.54 -3.19
C ALA D 40 15.76 11.73 -3.17
N PRO D 41 15.65 12.46 -4.29
CA PRO D 41 14.78 13.65 -4.29
C PRO D 41 13.33 13.31 -3.95
N GLY D 42 12.81 13.98 -2.92
CA GLY D 42 11.45 13.77 -2.50
C GLY D 42 11.16 12.44 -1.84
N GLN D 43 12.17 11.75 -1.32
CA GLN D 43 12.00 10.44 -0.72
C GLN D 43 12.66 10.42 0.66
N GLY D 44 12.58 9.27 1.33
CA GLY D 44 13.02 9.15 2.71
C GLY D 44 14.50 8.83 2.83
N LEU D 45 14.92 8.62 4.09
CA LEU D 45 16.30 8.29 4.38
C LEU D 45 16.55 6.80 4.16
N GLU D 46 17.75 6.47 3.70
CA GLU D 46 18.13 5.09 3.41
C GLU D 46 19.48 4.81 4.05
N TRP D 47 19.50 3.83 4.97
CA TRP D 47 20.74 3.40 5.61
C TRP D 47 21.55 2.57 4.62
N MET D 48 22.76 3.03 4.31
CA MET D 48 23.62 2.33 3.34
C MET D 48 24.63 1.42 4.02
N GLY D 49 25.35 1.94 5.01
CA GLY D 49 26.39 1.19 5.66
C GLY D 49 27.21 2.08 6.55
N GLY D 50 28.12 1.46 7.29
CA GLY D 50 28.95 2.17 8.24
C GLY D 50 30.28 1.48 8.42
N ILE D 51 31.15 2.12 9.22
CA ILE D 51 32.47 1.56 9.50
C ILE D 51 32.87 1.92 10.92
N ILE D 52 33.59 1.01 11.55
CA ILE D 52 34.22 1.26 12.85
C ILE D 52 35.69 1.57 12.57
N PRO D 53 36.11 2.83 12.66
CA PRO D 53 37.42 3.20 12.11
C PRO D 53 38.61 2.51 12.74
N LEU D 54 38.59 2.28 14.06
CA LEU D 54 39.74 1.66 14.72
C LEU D 54 39.99 0.26 14.20
N LEU D 55 38.93 -0.49 13.92
CA LEU D 55 39.04 -1.86 13.45
C LEU D 55 39.00 -1.97 11.93
N SER D 56 38.81 -0.86 11.22
CA SER D 56 38.62 -0.88 9.76
C SER D 56 37.55 -1.90 9.37
N LEU D 57 36.48 -1.94 10.14
CA LEU D 57 35.45 -2.96 9.99
C LEU D 57 34.18 -2.33 9.42
N PRO D 58 33.88 -2.53 8.14
CA PRO D 58 32.66 -1.98 7.56
C PRO D 58 31.48 -2.96 7.69
N ASN D 59 30.30 -2.41 7.46
CA ASN D 59 29.07 -3.21 7.39
C ASN D 59 28.16 -2.55 6.36
N TYR D 60 27.78 -3.28 5.33
CA TYR D 60 26.97 -2.76 4.24
C TYR D 60 25.64 -3.48 4.18
N THR D 61 24.58 -2.75 3.86
CA THR D 61 23.33 -3.42 3.53
C THR D 61 23.49 -4.16 2.20
N GLN D 62 22.77 -5.28 2.09
CA GLN D 62 22.98 -6.19 0.96
C GLN D 62 22.72 -5.52 -0.38
N LYS D 63 21.86 -4.51 -0.40
CA LYS D 63 21.52 -3.83 -1.65
C LYS D 63 22.74 -3.25 -2.34
N PHE D 64 23.69 -2.71 -1.57
CA PHE D 64 24.84 -2.03 -2.14
C PHE D 64 26.11 -2.85 -2.11
N GLN D 65 26.07 -4.07 -1.58
CA GLN D 65 27.26 -4.92 -1.56
C GLN D 65 27.71 -5.19 -2.98
N GLY D 66 28.99 -4.93 -3.25
CA GLY D 66 29.53 -5.04 -4.59
C GLY D 66 29.88 -3.69 -5.20
N ARG D 67 29.06 -2.67 -4.92
CA ARG D 67 29.29 -1.34 -5.45
C ARG D 67 29.81 -0.34 -4.42
N LEU D 68 29.62 -0.61 -3.13
CA LEU D 68 29.88 0.36 -2.07
C LEU D 68 31.12 -0.03 -1.28
N THR D 69 31.99 0.95 -1.05
CA THR D 69 33.14 0.78 -0.17
C THR D 69 33.22 1.97 0.78
N ILE D 70 33.34 1.69 2.07
CA ILE D 70 33.48 2.72 3.09
C ILE D 70 34.81 2.49 3.82
N THR D 71 35.64 3.52 3.86
CA THR D 71 36.92 3.48 4.55
C THR D 71 37.01 4.63 5.55
N ALA D 72 38.07 4.63 6.34
CA ALA D 72 38.28 5.68 7.33
C ALA D 72 39.77 5.85 7.60
N ASP D 73 40.19 7.09 7.80
CA ASP D 73 41.56 7.43 8.15
C ASP D 73 41.54 8.02 9.55
N THR D 74 42.03 7.26 10.53
CA THR D 74 41.99 7.70 11.91
C THR D 74 42.94 8.85 12.19
N SER D 75 43.99 9.03 11.38
CA SER D 75 44.92 10.11 11.62
C SER D 75 44.33 11.47 11.26
N THR D 76 43.47 11.52 10.25
CA THR D 76 42.82 12.77 9.85
C THR D 76 41.37 12.84 10.27
N SER D 77 40.85 11.82 10.95
CA SER D 77 39.45 11.74 11.36
C SER D 77 38.51 11.93 10.17
N THR D 78 38.85 11.29 9.05
CA THR D 78 38.09 11.41 7.81
C THR D 78 37.62 10.04 7.36
N SER D 79 36.39 9.98 6.85
CA SER D 79 35.80 8.77 6.28
C SER D 79 35.43 9.04 4.83
N TYR D 80 35.59 8.02 3.99
CA TYR D 80 35.33 8.12 2.56
C TYR D 80 34.28 7.10 2.15
N LEU D 81 33.36 7.53 1.28
CA LEU D 81 32.40 6.65 0.63
C LEU D 81 32.75 6.57 -0.85
N GLU D 82 32.74 5.35 -1.39
CA GLU D 82 32.99 5.12 -2.80
C GLU D 82 31.89 4.24 -3.34
N LEU D 83 31.18 4.72 -4.36
CA LEU D 83 30.07 4.00 -4.98
C LEU D 83 30.34 3.90 -6.48
N SER D 84 30.37 2.67 -6.99
CA SER D 84 30.75 2.40 -8.37
C SER D 84 29.54 1.98 -9.19
N SER D 85 29.75 1.88 -10.50
CA SER D 85 28.69 1.53 -11.47
C SER D 85 27.46 2.39 -11.26
N LEU D 86 27.67 3.71 -11.25
CA LEU D 86 26.60 4.64 -10.92
C LEU D 86 25.47 4.57 -11.94
N ARG D 87 24.24 4.50 -11.44
CA ARG D 87 23.03 4.54 -12.24
C ARG D 87 22.24 5.81 -11.93
N SER D 88 21.20 6.05 -12.74
CA SER D 88 20.36 7.23 -12.55
C SER D 88 19.69 7.21 -11.18
N GLU D 89 19.34 6.03 -10.67
CA GLU D 89 18.71 5.91 -9.36
C GLU D 89 19.62 6.32 -8.22
N ASP D 90 20.93 6.36 -8.44
CA ASP D 90 21.85 6.76 -7.39
C ASP D 90 21.89 8.27 -7.16
N THR D 91 21.16 9.04 -7.96
CA THR D 91 21.05 10.48 -7.73
C THR D 91 20.39 10.73 -6.37
N ALA D 92 21.14 11.34 -5.45
CA ALA D 92 20.66 11.56 -4.09
C ALA D 92 21.59 12.51 -3.37
N VAL D 93 21.14 12.97 -2.21
CA VAL D 93 22.01 13.61 -1.23
C VAL D 93 22.55 12.53 -0.31
N TYR D 94 23.86 12.51 -0.12
CA TYR D 94 24.53 11.51 0.72
C TYR D 94 24.99 12.18 2.00
N PHE D 95 24.52 11.66 3.14
CA PHE D 95 24.83 12.20 4.46
C PHE D 95 25.84 11.32 5.17
N CYS D 96 26.70 11.98 5.94
CA CYS D 96 27.67 11.35 6.82
C CYS D 96 27.22 11.56 8.26
N ALA D 97 27.24 10.50 9.07
CA ALA D 97 26.73 10.59 10.44
C ALA D 97 27.59 9.80 11.40
N ARG D 98 27.92 10.40 12.55
CA ARG D 98 28.72 9.76 13.58
C ARG D 98 27.84 9.36 14.76
N GLU D 99 28.20 8.23 15.38
CA GLU D 99 27.44 7.69 16.50
C GLU D 99 27.30 8.70 17.62
N ALA D 100 26.10 8.80 18.18
CA ALA D 100 25.88 9.60 19.38
C ALA D 100 26.69 9.03 20.53
N SER D 101 27.30 9.92 21.31
CA SER D 101 28.22 9.51 22.37
C SER D 101 27.81 10.11 23.70
N GLY D 102 28.24 9.47 24.77
CA GLY D 102 27.93 9.86 26.14
C GLY D 102 29.04 10.66 26.79
N TRP D 103 29.21 10.46 28.10
CA TRP D 103 30.12 11.25 28.91
C TRP D 103 31.54 11.19 28.38
N PHE D 104 32.18 10.02 28.45
CA PHE D 104 33.50 9.80 27.83
C PHE D 104 33.33 9.14 26.48
N ASP D 105 32.50 9.75 25.64
CA ASP D 105 32.25 9.26 24.30
C ASP D 105 31.77 7.81 24.32
N LYS D 106 30.92 7.50 25.29
CA LYS D 106 30.27 6.19 25.37
C LYS D 106 29.30 6.02 24.21
N PRO D 107 29.45 4.97 23.39
CA PRO D 107 28.62 4.86 22.18
C PRO D 107 27.17 4.57 22.52
N LEU D 108 26.27 5.26 21.82
CA LEU D 108 24.83 5.15 22.07
C LEU D 108 24.07 4.58 20.89
N GLY D 109 24.75 4.09 19.86
CA GLY D 109 24.07 3.44 18.73
C GLY D 109 23.42 4.34 17.69
N ALA D 110 22.57 5.26 18.12
CA ALA D 110 21.92 6.19 17.20
C ALA D 110 22.93 7.16 16.63
N MET D 111 22.52 7.87 15.58
CA MET D 111 23.39 8.80 14.86
C MET D 111 23.19 10.21 15.40
N GLY D 112 24.21 10.71 16.11
CA GLY D 112 24.09 11.96 16.84
C GLY D 112 24.65 13.19 16.15
N VAL D 113 25.70 13.02 15.35
CA VAL D 113 26.35 14.13 14.65
C VAL D 113 26.23 13.87 13.15
N TRP D 114 25.73 14.85 12.41
CA TRP D 114 25.44 14.70 11.00
C TRP D 114 26.23 15.69 10.16
N GLY D 115 26.77 15.22 9.04
CA GLY D 115 27.35 16.12 8.07
C GLY D 115 26.26 16.91 7.34
N GLN D 116 26.70 17.85 6.51
CA GLN D 116 25.76 18.74 5.85
C GLN D 116 25.13 18.13 4.60
N GLY D 117 25.61 16.98 4.15
CA GLY D 117 25.06 16.36 2.96
C GLY D 117 25.86 16.70 1.71
N THR D 118 25.93 15.74 0.79
CA THR D 118 26.61 15.91 -0.49
C THR D 118 25.68 15.47 -1.60
N MET D 119 25.33 16.40 -2.49
CA MET D 119 24.48 16.08 -3.63
C MET D 119 25.30 15.43 -4.73
N VAL D 120 24.83 14.29 -5.23
CA VAL D 120 25.45 13.60 -6.35
C VAL D 120 24.39 13.39 -7.42
N VAL D 121 24.63 13.93 -8.61
CA VAL D 121 23.72 13.80 -9.74
C VAL D 121 24.34 12.86 -10.76
N VAL D 122 23.60 11.83 -11.15
CA VAL D 122 24.04 10.87 -12.15
C VAL D 122 23.23 11.12 -13.41
N SER D 123 23.90 11.55 -14.48
CA SER D 123 23.23 11.85 -15.73
C SER D 123 24.24 11.87 -16.86
N SER D 124 23.78 11.54 -18.06
CA SER D 124 24.59 11.65 -19.26
C SER D 124 24.47 13.02 -19.93
N ALA D 125 23.64 13.90 -19.39
CA ALA D 125 23.49 15.23 -19.96
C ALA D 125 24.75 16.05 -19.81
N SER D 126 24.97 16.94 -20.76
CA SER D 126 26.10 17.87 -20.72
C SER D 126 25.65 19.21 -20.16
N THR D 127 26.62 19.98 -19.66
CA THR D 127 26.32 21.29 -19.08
C THR D 127 25.72 22.20 -20.14
N LYS D 128 24.65 22.90 -19.76
CA LYS D 128 23.90 23.70 -20.71
C LYS D 128 23.21 24.85 -19.99
N GLY D 129 23.41 26.07 -20.49
CA GLY D 129 22.74 27.22 -19.95
C GLY D 129 21.26 27.23 -20.30
N PRO D 130 20.46 27.96 -19.53
CA PRO D 130 19.01 27.95 -19.73
C PRO D 130 18.54 28.95 -20.76
N SER D 131 17.39 28.64 -21.34
CA SER D 131 16.61 29.59 -22.13
C SER D 131 15.53 30.18 -21.23
N VAL D 132 15.31 31.49 -21.36
CA VAL D 132 14.40 32.22 -20.49
C VAL D 132 13.32 32.85 -21.35
N PHE D 133 12.07 32.45 -21.10
CA PHE D 133 10.93 32.96 -21.84
C PHE D 133 9.98 33.70 -20.90
N PRO D 134 9.40 34.80 -21.33
CA PRO D 134 8.49 35.56 -20.45
C PRO D 134 7.13 34.90 -20.34
N LEU D 135 6.52 35.08 -19.17
CA LEU D 135 5.15 34.68 -18.90
C LEU D 135 4.35 35.96 -18.70
N ALA D 136 3.84 36.51 -19.80
CA ALA D 136 3.27 37.85 -19.82
C ALA D 136 1.85 37.85 -19.23
N PRO D 137 1.47 38.92 -18.54
CA PRO D 137 0.11 39.11 -18.02
C PRO D 137 -0.83 39.66 -19.10
N GLY D 145 -8.10 42.79 -9.63
CA GLY D 145 -7.18 43.89 -9.45
C GLY D 145 -5.73 43.46 -9.29
N THR D 146 -5.50 42.15 -9.38
CA THR D 146 -4.16 41.59 -9.25
C THR D 146 -3.77 40.86 -10.53
N ALA D 147 -2.53 41.06 -10.97
CA ALA D 147 -2.00 40.42 -12.16
C ALA D 147 -0.84 39.50 -11.78
N ALA D 148 -0.69 38.43 -12.56
CA ALA D 148 0.40 37.48 -12.37
C ALA D 148 1.30 37.49 -13.59
N LEU D 149 2.61 37.46 -13.36
CA LEU D 149 3.59 37.41 -14.43
C LEU D 149 4.81 36.65 -13.94
N GLY D 150 5.62 36.19 -14.88
CA GLY D 150 6.79 35.43 -14.48
C GLY D 150 7.69 35.11 -15.65
N CYS D 151 8.68 34.26 -15.36
CA CYS D 151 9.66 33.82 -16.35
CA CYS D 151 9.65 33.82 -16.36
C CYS D 151 9.76 32.30 -16.32
N LEU D 152 9.81 31.69 -17.49
CA LEU D 152 9.99 30.25 -17.65
C LEU D 152 11.46 29.98 -17.96
N VAL D 153 12.13 29.26 -17.06
CA VAL D 153 13.56 28.97 -17.17
C VAL D 153 13.67 27.52 -17.61
N LYS D 154 13.99 27.29 -18.88
CA LYS D 154 13.83 26.00 -19.51
C LYS D 154 15.15 25.48 -20.08
N ASP D 155 15.33 24.17 -19.98
CA ASP D 155 16.39 23.43 -20.67
C ASP D 155 17.79 23.83 -20.18
N TYR D 156 18.05 23.57 -18.90
CA TYR D 156 19.36 23.79 -18.34
C TYR D 156 19.83 22.56 -17.58
N PHE D 157 21.14 22.40 -17.50
CA PHE D 157 21.78 21.33 -16.76
C PHE D 157 23.18 21.77 -16.34
N PRO D 158 23.58 21.51 -15.07
CA PRO D 158 22.74 20.92 -14.03
C PRO D 158 22.12 21.97 -13.12
N GLU D 159 21.47 21.53 -12.05
CA GLU D 159 21.06 22.44 -10.99
C GLU D 159 22.29 23.10 -10.36
N PRO D 160 22.14 24.27 -9.73
CA PRO D 160 20.92 25.06 -9.57
C PRO D 160 20.89 26.34 -10.41
N VAL D 161 19.75 27.01 -10.36
CA VAL D 161 19.56 28.31 -11.01
C VAL D 161 18.98 29.26 -9.97
N THR D 162 19.54 30.46 -9.88
CA THR D 162 19.02 31.49 -8.99
C THR D 162 18.23 32.52 -9.79
N VAL D 163 17.07 32.90 -9.25
CA VAL D 163 16.16 33.83 -9.91
C VAL D 163 15.81 34.94 -8.94
N SER D 164 16.02 36.19 -9.37
CA SER D 164 15.58 37.37 -8.64
C SER D 164 14.76 38.25 -9.57
N TRP D 165 14.09 39.24 -8.99
CA TRP D 165 13.26 40.18 -9.74
C TRP D 165 13.71 41.60 -9.44
N ASN D 166 13.93 42.38 -10.51
CA ASN D 166 14.38 43.76 -10.40
C ASN D 166 15.65 43.86 -9.53
N SER D 167 16.57 42.93 -9.78
CA SER D 167 17.85 42.88 -9.06
C SER D 167 17.67 42.67 -7.56
N GLY D 168 16.57 42.04 -7.17
CA GLY D 168 16.28 41.81 -5.77
C GLY D 168 15.42 42.87 -5.11
N ALA D 169 14.99 43.90 -5.83
CA ALA D 169 14.13 44.93 -5.27
C ALA D 169 12.69 44.47 -5.12
N LEU D 170 12.32 43.34 -5.74
CA LEU D 170 10.96 42.81 -5.69
C LEU D 170 11.01 41.42 -5.09
N THR D 171 10.48 41.26 -3.87
CA THR D 171 10.51 39.98 -3.18
C THR D 171 9.12 39.55 -2.73
N SER D 172 8.24 40.50 -2.45
CA SER D 172 6.90 40.18 -1.97
CA SER D 172 6.90 40.18 -1.97
C SER D 172 6.08 39.56 -3.10
N GLY D 173 5.46 38.41 -2.82
CA GLY D 173 4.62 37.75 -3.79
C GLY D 173 5.34 36.89 -4.80
N VAL D 174 6.63 36.61 -4.60
CA VAL D 174 7.41 35.82 -5.54
C VAL D 174 7.33 34.35 -5.15
N HIS D 175 7.09 33.49 -6.14
CA HIS D 175 7.18 32.04 -5.96
C HIS D 175 8.09 31.49 -7.06
N THR D 176 9.25 30.98 -6.67
CA THR D 176 10.13 30.25 -7.57
C THR D 176 9.95 28.77 -7.30
N PHE D 177 9.41 28.05 -8.28
CA PHE D 177 9.04 26.66 -8.07
C PHE D 177 10.26 25.74 -8.14
N PRO D 178 10.23 24.61 -7.44
CA PRO D 178 11.30 23.62 -7.61
C PRO D 178 11.36 23.13 -9.04
N ALA D 179 12.58 22.95 -9.54
CA ALA D 179 12.75 22.51 -10.92
C ALA D 179 12.20 21.10 -11.10
N VAL D 180 11.75 20.82 -12.32
CA VAL D 180 11.34 19.47 -12.71
C VAL D 180 12.34 18.96 -13.75
N LEU D 181 12.58 17.66 -13.72
CA LEU D 181 13.47 17.00 -14.67
C LEU D 181 12.64 16.51 -15.85
N GLN D 182 12.91 17.06 -17.03
CA GLN D 182 12.17 16.69 -18.22
C GLN D 182 12.69 15.38 -18.80
N SER D 183 11.92 14.81 -19.72
CA SER D 183 12.31 13.56 -20.37
C SER D 183 13.60 13.70 -21.17
N SER D 184 13.97 14.92 -21.56
CA SER D 184 15.21 15.15 -22.26
C SER D 184 16.44 15.05 -21.36
N GLY D 185 16.24 14.99 -20.05
CA GLY D 185 17.35 15.04 -19.11
C GLY D 185 17.71 16.43 -18.64
N LEU D 186 17.05 17.47 -19.14
CA LEU D 186 17.33 18.83 -18.75
C LEU D 186 16.26 19.33 -17.78
N TYR D 187 16.63 20.32 -16.97
CA TYR D 187 15.73 20.84 -15.95
C TYR D 187 14.93 22.02 -16.48
N SER D 188 13.85 22.33 -15.79
CA SER D 188 12.99 23.45 -16.14
CA SER D 188 12.98 23.44 -16.15
C SER D 188 12.26 23.94 -14.90
N LEU D 189 12.11 25.25 -14.78
CA LEU D 189 11.39 25.81 -13.66
C LEU D 189 10.69 27.10 -14.10
N SER D 190 9.76 27.54 -13.27
CA SER D 190 9.08 28.80 -13.46
CA SER D 190 9.07 28.81 -13.46
C SER D 190 9.17 29.62 -12.18
N SER D 191 9.16 30.95 -12.36
CA SER D 191 9.15 31.88 -11.24
C SER D 191 8.11 32.95 -11.53
N VAL D 192 7.13 33.09 -10.65
CA VAL D 192 6.02 34.00 -10.86
C VAL D 192 5.95 34.99 -9.70
N VAL D 193 5.21 36.07 -9.93
CA VAL D 193 5.00 37.09 -8.91
C VAL D 193 3.69 37.79 -9.20
N THR D 194 2.96 38.13 -8.13
CA THR D 194 1.70 38.87 -8.22
C THR D 194 1.95 40.33 -7.93
N VAL D 195 1.40 41.20 -8.77
CA VAL D 195 1.56 42.65 -8.65
C VAL D 195 0.21 43.32 -8.87
N PRO D 196 0.05 44.56 -8.40
CA PRO D 196 -1.19 45.29 -8.69
C PRO D 196 -1.39 45.45 -10.19
N SER D 197 -2.61 45.12 -10.64
CA SER D 197 -2.89 45.09 -12.07
C SER D 197 -2.73 46.46 -12.71
N SER D 198 -2.91 47.54 -11.94
CA SER D 198 -2.81 48.88 -12.50
C SER D 198 -1.36 49.29 -12.77
N SER D 199 -0.42 48.71 -12.05
CA SER D 199 0.98 49.12 -12.17
C SER D 199 1.68 48.57 -13.40
N LEU D 200 0.99 47.79 -14.23
CA LEU D 200 1.63 47.16 -15.37
C LEU D 200 2.09 48.15 -16.43
N GLY D 201 1.68 49.40 -16.34
CA GLY D 201 2.05 50.38 -17.35
C GLY D 201 3.14 51.34 -16.91
N THR D 202 3.33 51.48 -15.60
CA THR D 202 4.27 52.45 -15.05
C THR D 202 5.46 51.80 -14.34
N GLN D 203 5.58 50.47 -14.36
CA GLN D 203 6.64 49.79 -13.64
C GLN D 203 7.26 48.72 -14.53
N THR D 204 8.59 48.68 -14.56
CA THR D 204 9.32 47.68 -15.32
C THR D 204 9.60 46.47 -14.44
N TYR D 205 9.24 45.29 -14.93
CA TYR D 205 9.47 44.04 -14.22
C TYR D 205 10.46 43.20 -15.01
N ILE D 206 11.59 42.87 -14.38
CA ILE D 206 12.67 42.16 -15.06
C ILE D 206 13.12 41.00 -14.18
N CYS D 207 13.16 39.81 -14.76
CA CYS D 207 13.57 38.61 -14.04
CA CYS D 207 13.56 38.60 -14.07
C CYS D 207 15.04 38.33 -14.33
N ASN D 208 15.82 38.19 -13.27
CA ASN D 208 17.26 37.95 -13.36
C ASN D 208 17.55 36.48 -13.10
N VAL D 209 18.18 35.82 -14.06
CA VAL D 209 18.50 34.41 -13.96
C VAL D 209 20.02 34.25 -13.98
N ASN D 210 20.53 33.40 -13.10
CA ASN D 210 21.97 33.16 -13.00
C ASN D 210 22.20 31.66 -12.87
N HIS D 211 22.95 31.10 -13.82
CA HIS D 211 23.27 29.67 -13.84
C HIS D 211 24.79 29.55 -13.74
N LYS D 212 25.28 29.40 -12.52
CA LYS D 212 26.72 29.35 -12.29
C LYS D 212 27.45 28.26 -13.06
N PRO D 213 26.96 27.02 -13.16
CA PRO D 213 27.78 25.97 -13.81
C PRO D 213 28.09 26.25 -15.28
N SER D 214 27.37 27.14 -15.94
CA SER D 214 27.62 27.44 -17.34
C SER D 214 28.09 28.88 -17.58
N ASN D 215 28.27 29.67 -16.52
CA ASN D 215 28.69 31.07 -16.64
C ASN D 215 27.72 31.85 -17.52
N THR D 216 26.44 31.78 -17.18
CA THR D 216 25.38 32.44 -17.93
C THR D 216 24.57 33.31 -17.00
N LYS D 217 24.45 34.59 -17.34
CA LYS D 217 23.63 35.54 -16.60
C LYS D 217 22.77 36.29 -17.61
N VAL D 218 21.45 36.15 -17.48
CA VAL D 218 20.51 36.76 -18.41
C VAL D 218 19.50 37.61 -17.66
N ASP D 219 18.95 38.60 -18.36
CA ASP D 219 17.94 39.49 -17.84
C ASP D 219 16.83 39.60 -18.87
N LYS D 220 15.60 39.31 -18.46
CA LYS D 220 14.45 39.24 -19.37
C LYS D 220 13.36 40.16 -18.86
N LYS D 221 13.01 41.17 -19.66
CA LYS D 221 11.92 42.06 -19.33
C LYS D 221 10.59 41.40 -19.68
N VAL D 222 9.65 41.43 -18.76
CA VAL D 222 8.31 40.88 -18.97
C VAL D 222 7.34 42.06 -19.06
N GLU D 223 6.53 42.07 -20.11
CA GLU D 223 5.61 43.16 -20.38
C GLU D 223 4.31 42.62 -20.93
N PRO D 224 3.19 43.35 -20.74
CA PRO D 224 1.89 42.93 -21.27
C PRO D 224 1.89 42.77 -22.80
N ALA E 12 -8.42 -2.25 -33.80
CA ALA E 12 -9.64 -1.47 -33.78
C ALA E 12 -10.55 -1.91 -32.62
N SER E 13 -11.13 -0.94 -31.91
CA SER E 13 -12.14 -1.24 -30.90
C SER E 13 -13.35 -1.92 -31.50
N LEU E 14 -13.44 -1.95 -32.83
CA LEU E 14 -14.54 -2.62 -33.52
C LEU E 14 -14.61 -4.10 -33.16
N TRP E 15 -13.49 -4.80 -33.30
CA TRP E 15 -13.44 -6.23 -33.01
C TRP E 15 -13.51 -6.55 -31.51
N ASN E 16 -13.45 -5.54 -30.65
CA ASN E 16 -13.36 -5.76 -29.22
C ASN E 16 -14.71 -6.21 -28.67
N TRP E 17 -14.74 -7.41 -28.08
CA TRP E 17 -15.98 -7.94 -27.52
C TRP E 17 -16.57 -7.03 -26.44
N PHE E 18 -15.71 -6.36 -25.66
CA PHE E 18 -16.18 -5.46 -24.61
C PHE E 18 -16.83 -4.20 -25.18
N ASP E 19 -16.63 -3.89 -26.46
CA ASP E 19 -17.17 -2.68 -27.07
C ASP E 19 -18.38 -2.94 -27.96
N ILE E 20 -18.85 -4.18 -28.04
CA ILE E 20 -19.91 -4.49 -28.99
C ILE E 20 -21.25 -3.93 -28.52
N THR E 21 -21.56 -4.07 -27.22
CA THR E 21 -22.80 -3.49 -26.72
C THR E 21 -22.82 -1.98 -26.87
N LYS E 22 -21.65 -1.33 -26.74
CA LYS E 22 -21.59 0.11 -26.96
C LYS E 22 -21.87 0.45 -28.43
N TRP E 23 -21.39 -0.38 -29.35
CA TRP E 23 -21.65 -0.14 -30.77
C TRP E 23 -23.11 -0.41 -31.11
N LEU E 24 -23.71 -1.44 -30.52
CA LEU E 24 -25.13 -1.70 -30.74
C LEU E 24 -25.97 -0.53 -30.24
N TRP E 25 -25.56 0.10 -29.16
CA TRP E 25 -26.30 1.24 -28.63
C TRP E 25 -26.13 2.48 -29.51
N TYR E 26 -24.94 2.65 -30.09
CA TYR E 26 -24.69 3.80 -30.96
C TYR E 26 -25.34 3.61 -32.33
N ILE E 27 -25.35 2.37 -32.83
CA ILE E 27 -25.92 2.11 -34.15
C ILE E 27 -27.43 2.32 -34.14
N LYS E 28 -28.09 1.89 -33.07
CA LYS E 28 -29.54 2.12 -32.97
C LYS E 28 -29.88 3.56 -32.67
N LYS E 29 -28.93 4.35 -32.19
CA LYS E 29 -29.17 5.76 -31.93
C LYS E 29 -28.36 6.64 -32.88
N TRP F 15 27.60 -12.55 15.73
CA TRP F 15 27.93 -11.31 16.41
C TRP F 15 27.26 -10.11 15.77
N ASN F 16 27.02 -9.08 16.56
CA ASN F 16 26.26 -7.92 16.13
C ASN F 16 27.18 -6.73 15.95
N TRP F 17 27.27 -6.24 14.70
CA TRP F 17 28.10 -5.10 14.38
C TRP F 17 27.70 -3.86 15.17
N PHE F 18 26.41 -3.70 15.47
CA PHE F 18 25.90 -2.54 16.20
C PHE F 18 26.35 -2.51 17.65
N ASP F 19 26.87 -3.62 18.18
CA ASP F 19 27.26 -3.72 19.59
C ASP F 19 28.77 -3.68 19.79
N ILE F 20 29.55 -3.48 18.72
CA ILE F 20 31.00 -3.61 18.83
C ILE F 20 31.62 -2.37 19.46
N THR F 21 31.10 -1.17 19.15
CA THR F 21 31.66 0.03 19.77
C THR F 21 31.41 0.04 21.27
N LYS F 22 30.21 -0.37 21.70
CA LYS F 22 29.96 -0.54 23.14
C LYS F 22 30.86 -1.62 23.71
N TRP F 23 31.18 -2.64 22.93
CA TRP F 23 32.11 -3.67 23.36
C TRP F 23 33.51 -3.10 23.61
N LEU F 24 33.99 -2.26 22.69
CA LEU F 24 35.32 -1.69 22.83
C LEU F 24 35.39 -0.67 23.95
N TRP F 25 34.26 -0.02 24.28
CA TRP F 25 34.27 1.05 25.25
C TRP F 25 34.45 0.53 26.67
N TYR F 26 33.84 -0.61 27.00
CA TYR F 26 34.03 -1.18 28.33
C TYR F 26 35.41 -1.80 28.47
N ILE F 27 35.87 -2.51 27.43
CA ILE F 27 37.13 -3.25 27.53
C ILE F 27 38.29 -2.32 27.86
N LYS F 28 38.40 -1.20 27.16
CA LYS F 28 39.52 -0.30 27.46
C LYS F 28 39.26 0.50 28.75
N LYS F 29 38.02 0.94 28.99
CA LYS F 29 37.65 1.54 30.30
C LYS F 29 37.23 0.50 31.36
#